data_1RJ2
#
_entry.id   1RJ2
#
_cell.length_a   97.989
_cell.length_b   82.824
_cell.length_c   127.257
_cell.angle_alpha   90.00
_cell.angle_beta   90.80
_cell.angle_gamma   90.00
#
_symmetry.space_group_name_H-M   'P 1 21 1'
#
loop_
_entity.id
_entity.type
_entity.pdbx_description
1 polymer 'Guanine nucleotide exchange factor DBS [Fragment]'
2 water water
#
_entity_poly.entity_id   1
_entity_poly.type   'polypeptide(L)'
_entity_poly.pdbx_seq_one_letter_code
;MGEEEESLAILRRHVMNELLDTERAYVEELLCVLEGYAAEMDNPLMAHLISTGLQNKKNILFGNMEEIYHFHNRIFLREL
ESCIDCPELVGRCFLERMEEFQIYEKYCQNKPRSESLWRQCSDCPFFQECQKKLDHKLSLDSYLLKPVQRITKYQLLLKE
MLKYSKHCEGAEDLQEALSSILGILKAVNDSMHLIAITGYDGNLGDLGKLLMQGSFSVWTDHKKGHTKVKELARFKPMQR
HLFLHEKAVLFCKKREENGEGYEKAPSYSYKQSLNMTAVGITENVKGDTKKFEIWYNAREEVYIIQAPTPEIKAAWVNEI
RKVLTSQLQACREASQHRALEQSHSLPHHHHHH
;
_entity_poly.pdbx_strand_id   A,D,G,J
#
# COMPACT_ATOMS: atom_id res chain seq x y z
N GLU A 3 -18.47 -36.83 -42.49
CA GLU A 3 -19.79 -37.46 -42.26
C GLU A 3 -20.20 -37.45 -40.78
N GLU A 4 -21.50 -37.41 -40.56
CA GLU A 4 -22.07 -37.41 -39.21
C GLU A 4 -22.13 -38.81 -38.62
N GLU A 5 -23.29 -39.43 -38.77
CA GLU A 5 -23.54 -40.76 -38.26
C GLU A 5 -22.37 -41.73 -38.27
N GLU A 6 -21.74 -41.88 -39.44
CA GLU A 6 -20.61 -42.80 -39.53
C GLU A 6 -19.50 -42.42 -38.55
N SER A 7 -19.28 -41.11 -38.37
CA SER A 7 -18.25 -40.62 -37.47
C SER A 7 -18.60 -40.76 -35.99
N LEU A 8 -19.80 -40.34 -35.61
CA LEU A 8 -20.22 -40.47 -34.22
C LEU A 8 -20.18 -41.93 -33.81
N ALA A 9 -20.91 -42.76 -34.54
CA ALA A 9 -20.94 -44.18 -34.24
C ALA A 9 -19.54 -44.74 -34.01
N ILE A 10 -18.57 -44.31 -34.79
CA ILE A 10 -17.21 -44.81 -34.60
C ILE A 10 -16.64 -44.34 -33.28
N LEU A 11 -17.03 -43.14 -32.84
CA LEU A 11 -16.56 -42.61 -31.56
C LEU A 11 -17.20 -43.37 -30.40
N ARG A 12 -18.50 -43.65 -30.53
CA ARG A 12 -19.24 -44.40 -29.51
C ARG A 12 -18.59 -45.75 -29.32
N ARG A 13 -18.19 -46.36 -30.42
CA ARG A 13 -17.54 -47.66 -30.38
C ARG A 13 -16.21 -47.51 -29.64
N HIS A 14 -15.57 -46.37 -29.81
CA HIS A 14 -14.30 -46.14 -29.14
C HIS A 14 -14.46 -46.14 -27.63
N VAL A 15 -15.51 -45.49 -27.14
CA VAL A 15 -15.78 -45.44 -25.71
C VAL A 15 -16.09 -46.86 -25.19
N MET A 16 -16.98 -47.56 -25.89
CA MET A 16 -17.37 -48.92 -25.52
C MET A 16 -16.12 -49.78 -25.32
N ASN A 17 -15.10 -49.54 -26.12
CA ASN A 17 -13.86 -50.30 -26.01
C ASN A 17 -13.19 -50.01 -24.67
N GLU A 18 -13.12 -48.74 -24.31
CA GLU A 18 -12.48 -48.39 -23.06
C GLU A 18 -13.23 -48.97 -21.89
N LEU A 19 -14.55 -48.77 -21.90
CA LEU A 19 -15.39 -49.28 -20.83
C LEU A 19 -15.10 -50.76 -20.67
N LEU A 20 -15.13 -51.48 -21.78
CA LEU A 20 -14.89 -52.91 -21.78
C LEU A 20 -13.44 -53.28 -21.49
N ASP A 21 -12.47 -52.47 -21.96
CA ASP A 21 -11.06 -52.77 -21.70
C ASP A 21 -10.76 -52.59 -20.22
N THR A 22 -11.13 -51.42 -19.70
CA THR A 22 -10.91 -51.13 -18.30
C THR A 22 -11.68 -52.12 -17.42
N GLU A 23 -12.92 -52.41 -17.79
CA GLU A 23 -13.74 -53.36 -17.04
C GLU A 23 -12.95 -54.65 -16.83
N ARG A 24 -12.54 -55.27 -17.94
CA ARG A 24 -11.78 -56.53 -17.85
C ARG A 24 -10.58 -56.37 -16.93
N ALA A 25 -9.89 -55.25 -17.06
CA ALA A 25 -8.74 -54.99 -16.24
C ALA A 25 -9.16 -54.92 -14.79
N TYR A 26 -10.25 -54.22 -14.53
CA TYR A 26 -10.77 -54.04 -13.18
C TYR A 26 -10.97 -55.40 -12.53
N VAL A 27 -11.64 -56.28 -13.25
CA VAL A 27 -11.89 -57.62 -12.75
C VAL A 27 -10.59 -58.30 -12.41
N GLU A 28 -9.68 -58.32 -13.40
CA GLU A 28 -8.35 -58.95 -13.25
C GLU A 28 -7.63 -58.40 -12.03
N GLU A 29 -7.64 -57.08 -11.87
CA GLU A 29 -6.99 -56.41 -10.75
C GLU A 29 -7.54 -56.88 -9.41
N LEU A 30 -8.84 -56.76 -9.23
CA LEU A 30 -9.44 -57.19 -7.97
C LEU A 30 -9.06 -58.63 -7.71
N LEU A 31 -9.18 -59.46 -8.74
CA LEU A 31 -8.85 -60.86 -8.61
C LEU A 31 -7.44 -61.17 -8.11
N CYS A 32 -6.43 -60.55 -8.71
CA CYS A 32 -5.08 -60.88 -8.28
C CYS A 32 -4.84 -60.51 -6.84
N VAL A 33 -5.59 -59.54 -6.33
CA VAL A 33 -5.46 -59.11 -4.96
C VAL A 33 -6.17 -60.11 -4.01
N LEU A 34 -7.33 -60.61 -4.44
CA LEU A 34 -8.08 -61.56 -3.65
C LEU A 34 -7.33 -62.90 -3.61
N GLU A 35 -6.61 -63.21 -4.70
CA GLU A 35 -5.82 -64.45 -4.79
C GLU A 35 -4.45 -64.18 -4.20
N GLY A 36 -3.88 -63.06 -4.60
CA GLY A 36 -2.55 -62.65 -4.19
C GLY A 36 -2.36 -62.19 -2.75
N TYR A 37 -3.41 -61.66 -2.15
CA TYR A 37 -3.31 -61.22 -0.78
C TYR A 37 -4.34 -61.87 0.15
N ALA A 38 -5.62 -61.63 -0.10
CA ALA A 38 -6.67 -62.17 0.76
C ALA A 38 -6.58 -63.66 0.99
N ALA A 39 -6.58 -64.42 -0.09
CA ALA A 39 -6.50 -65.86 0.03
C ALA A 39 -5.27 -66.25 0.85
N GLU A 40 -4.18 -65.51 0.67
CA GLU A 40 -2.93 -65.78 1.37
C GLU A 40 -2.98 -65.59 2.89
N MET A 41 -3.91 -64.77 3.37
CA MET A 41 -4.01 -64.56 4.80
C MET A 41 -4.53 -65.83 5.45
N ASP A 42 -5.09 -66.73 4.65
CA ASP A 42 -5.61 -67.98 5.18
C ASP A 42 -4.74 -69.19 4.85
N ASN A 43 -3.60 -68.93 4.24
CA ASN A 43 -2.67 -69.99 3.85
C ASN A 43 -1.71 -70.38 4.94
N PRO A 44 -1.83 -71.61 5.46
CA PRO A 44 -0.96 -72.11 6.53
C PRO A 44 0.49 -71.74 6.30
N LEU A 45 0.97 -72.00 5.09
CA LEU A 45 2.36 -71.73 4.73
C LEU A 45 2.76 -70.28 5.01
N MET A 46 1.80 -69.36 4.92
CA MET A 46 2.06 -67.94 5.14
C MET A 46 1.88 -67.50 6.60
N ALA A 47 1.17 -68.34 7.36
CA ALA A 47 0.86 -68.08 8.75
C ALA A 47 2.00 -67.52 9.59
N HIS A 48 3.24 -67.90 9.28
CA HIS A 48 4.36 -67.43 10.07
C HIS A 48 4.75 -65.98 9.80
N LEU A 49 4.00 -65.31 8.93
CA LEU A 49 4.30 -63.92 8.62
C LEU A 49 3.11 -63.04 8.96
N ILE A 50 2.09 -63.68 9.51
CA ILE A 50 0.90 -62.93 9.83
C ILE A 50 0.43 -63.15 11.27
N SER A 51 0.27 -62.03 11.97
CA SER A 51 -0.18 -62.00 13.37
C SER A 51 -1.52 -62.75 13.53
N THR A 52 -1.74 -63.32 14.71
CA THR A 52 -2.97 -64.06 14.98
C THR A 52 -4.19 -63.17 14.83
N GLY A 53 -3.98 -61.86 14.88
CA GLY A 53 -5.08 -60.92 14.77
C GLY A 53 -5.32 -60.40 13.38
N LEU A 54 -4.26 -59.86 12.77
CA LEU A 54 -4.34 -59.31 11.42
C LEU A 54 -5.08 -60.32 10.57
N GLN A 55 -4.76 -61.58 10.81
CA GLN A 55 -5.37 -62.70 10.09
C GLN A 55 -6.87 -62.53 10.03
N ASN A 56 -7.45 -62.02 11.11
CA ASN A 56 -8.88 -61.80 11.19
C ASN A 56 -9.29 -60.52 10.47
N LYS A 57 -8.41 -59.53 10.52
CA LYS A 57 -8.65 -58.24 9.88
C LYS A 57 -8.81 -58.37 8.37
N LYS A 58 -8.82 -59.60 7.87
CA LYS A 58 -8.93 -59.81 6.44
C LYS A 58 -10.05 -59.02 5.80
N ASN A 59 -11.19 -58.91 6.49
CA ASN A 59 -12.33 -58.19 5.92
C ASN A 59 -12.24 -56.70 6.19
N ILE A 60 -11.77 -56.35 7.37
CA ILE A 60 -11.63 -54.97 7.71
C ILE A 60 -10.73 -54.35 6.66
N LEU A 61 -9.76 -55.13 6.21
CA LEU A 61 -8.81 -54.64 5.23
C LEU A 61 -9.32 -54.66 3.81
N PHE A 62 -10.02 -55.73 3.44
CA PHE A 62 -10.53 -55.85 2.08
C PHE A 62 -11.96 -55.41 1.83
N GLY A 63 -12.75 -55.32 2.90
CA GLY A 63 -14.12 -54.90 2.75
C GLY A 63 -14.85 -55.91 1.88
N ASN A 64 -15.87 -55.48 1.15
CA ASN A 64 -16.59 -56.41 0.30
C ASN A 64 -16.00 -56.49 -1.11
N MET A 65 -14.68 -56.36 -1.22
CA MET A 65 -14.06 -56.43 -2.53
C MET A 65 -14.48 -57.72 -3.24
N GLU A 66 -14.45 -58.84 -2.53
CA GLU A 66 -14.82 -60.11 -3.15
C GLU A 66 -16.24 -60.03 -3.72
N GLU A 67 -17.16 -59.52 -2.91
CA GLU A 67 -18.56 -59.39 -3.31
C GLU A 67 -18.63 -58.61 -4.60
N ILE A 68 -17.87 -57.52 -4.64
CA ILE A 68 -17.81 -56.66 -5.82
C ILE A 68 -17.20 -57.43 -6.97
N TYR A 69 -16.14 -58.17 -6.70
CA TYR A 69 -15.48 -58.94 -7.74
C TYR A 69 -16.43 -59.91 -8.42
N HIS A 70 -17.15 -60.69 -7.63
CA HIS A 70 -18.07 -61.65 -8.22
C HIS A 70 -19.09 -60.96 -9.08
N PHE A 71 -19.59 -59.84 -8.58
CA PHE A 71 -20.60 -59.13 -9.34
C PHE A 71 -20.12 -58.81 -10.72
N HIS A 72 -19.01 -58.06 -10.78
CA HIS A 72 -18.45 -57.68 -12.07
C HIS A 72 -17.97 -58.85 -12.91
N ASN A 73 -17.58 -59.93 -12.26
CA ASN A 73 -17.11 -61.07 -12.99
C ASN A 73 -18.23 -61.97 -13.51
N ARG A 74 -19.23 -62.22 -12.69
CA ARG A 74 -20.34 -63.08 -13.11
C ARG A 74 -21.49 -62.39 -13.82
N ILE A 75 -21.77 -61.13 -13.48
CA ILE A 75 -22.88 -60.45 -14.12
C ILE A 75 -22.53 -59.27 -15.00
N PHE A 76 -22.09 -58.20 -14.36
CA PHE A 76 -21.83 -56.95 -15.08
C PHE A 76 -21.00 -56.96 -16.36
N LEU A 77 -19.81 -57.54 -16.31
CA LEU A 77 -18.98 -57.58 -17.51
C LEU A 77 -19.75 -58.25 -18.63
N ARG A 78 -20.28 -59.45 -18.36
CA ARG A 78 -21.05 -60.19 -19.35
C ARG A 78 -22.15 -59.29 -19.96
N GLU A 79 -22.85 -58.55 -19.10
CA GLU A 79 -23.93 -57.71 -19.59
C GLU A 79 -23.44 -56.50 -20.37
N LEU A 80 -22.28 -55.98 -20.00
CA LEU A 80 -21.74 -54.81 -20.69
C LEU A 80 -21.27 -55.20 -22.07
N GLU A 81 -20.74 -56.40 -22.19
CA GLU A 81 -20.27 -56.88 -23.47
C GLU A 81 -21.38 -57.13 -24.45
N SER A 82 -22.59 -57.41 -23.97
CA SER A 82 -23.69 -57.66 -24.89
C SER A 82 -23.88 -56.43 -25.78
N CYS A 83 -23.63 -55.27 -25.21
CA CYS A 83 -23.78 -54.02 -25.93
C CYS A 83 -22.65 -53.66 -26.87
N ILE A 84 -21.73 -54.57 -27.11
CA ILE A 84 -20.62 -54.25 -27.99
C ILE A 84 -21.14 -53.72 -29.33
N ASP A 85 -22.23 -54.29 -29.82
CA ASP A 85 -22.80 -53.90 -31.10
C ASP A 85 -23.74 -52.71 -31.01
N CYS A 86 -24.19 -52.39 -29.80
CA CYS A 86 -25.12 -51.28 -29.60
C CYS A 86 -24.75 -50.46 -28.37
N PRO A 87 -23.54 -49.88 -28.37
CA PRO A 87 -23.08 -49.07 -27.25
C PRO A 87 -24.02 -47.96 -26.77
N GLU A 88 -24.85 -47.42 -27.67
CA GLU A 88 -25.75 -46.35 -27.26
C GLU A 88 -26.67 -46.78 -26.12
N LEU A 89 -27.00 -48.07 -26.08
CA LEU A 89 -27.90 -48.59 -25.06
C LEU A 89 -27.25 -49.22 -23.85
N VAL A 90 -25.98 -48.92 -23.62
CA VAL A 90 -25.28 -49.48 -22.47
C VAL A 90 -25.81 -48.84 -21.20
N GLY A 91 -26.57 -47.76 -21.34
CA GLY A 91 -27.10 -47.11 -20.16
C GLY A 91 -28.14 -47.97 -19.47
N ARG A 92 -28.60 -49.00 -20.18
CA ARG A 92 -29.63 -49.89 -19.64
C ARG A 92 -29.06 -50.75 -18.52
N CYS A 93 -27.84 -51.23 -18.73
CA CYS A 93 -27.17 -52.07 -17.76
C CYS A 93 -27.05 -51.37 -16.44
N PHE A 94 -26.33 -50.25 -16.46
CA PHE A 94 -26.13 -49.50 -15.24
C PHE A 94 -27.43 -49.30 -14.50
N LEU A 95 -28.47 -48.90 -15.23
CA LEU A 95 -29.76 -48.69 -14.60
C LEU A 95 -30.27 -49.95 -13.94
N GLU A 96 -30.51 -50.97 -14.75
CA GLU A 96 -31.02 -52.22 -14.26
C GLU A 96 -30.26 -52.88 -13.11
N ARG A 97 -29.06 -52.35 -12.79
CA ARG A 97 -28.26 -52.95 -11.71
C ARG A 97 -27.90 -51.99 -10.59
N MET A 98 -28.56 -50.85 -10.53
CA MET A 98 -28.27 -49.88 -9.50
C MET A 98 -28.43 -50.48 -8.11
N GLU A 99 -29.26 -51.52 -8.02
CA GLU A 99 -29.48 -52.16 -6.73
C GLU A 99 -28.20 -52.91 -6.35
N GLU A 100 -27.59 -53.55 -7.35
CA GLU A 100 -26.36 -54.27 -7.12
C GLU A 100 -25.23 -53.30 -6.78
N PHE A 101 -25.26 -52.12 -7.39
CA PHE A 101 -24.23 -51.13 -7.12
C PHE A 101 -24.19 -50.65 -5.69
N GLN A 102 -25.23 -50.92 -4.91
CA GLN A 102 -25.23 -50.50 -3.52
C GLN A 102 -24.01 -51.08 -2.78
N ILE A 103 -23.45 -52.16 -3.32
CA ILE A 103 -22.29 -52.78 -2.71
C ILE A 103 -21.14 -51.77 -2.60
N TYR A 104 -21.08 -50.82 -3.53
CA TYR A 104 -20.02 -49.82 -3.52
C TYR A 104 -20.09 -48.92 -2.31
N GLU A 105 -21.32 -48.69 -1.83
CA GLU A 105 -21.53 -47.83 -0.67
C GLU A 105 -20.93 -48.53 0.53
N LYS A 106 -21.17 -49.84 0.62
CA LYS A 106 -20.64 -50.64 1.71
C LYS A 106 -19.10 -50.65 1.68
N TYR A 107 -18.55 -50.81 0.48
CA TYR A 107 -17.11 -50.84 0.34
C TYR A 107 -16.45 -49.56 0.79
N CYS A 108 -17.02 -48.43 0.40
CA CYS A 108 -16.47 -47.14 0.77
C CYS A 108 -16.61 -46.87 2.27
N GLN A 109 -17.76 -47.25 2.82
CA GLN A 109 -18.02 -47.04 4.23
C GLN A 109 -16.92 -47.64 5.07
N ASN A 110 -16.49 -48.84 4.71
CA ASN A 110 -15.43 -49.52 5.46
C ASN A 110 -14.05 -48.96 5.14
N LYS A 111 -13.86 -48.49 3.92
CA LYS A 111 -12.58 -47.98 3.45
C LYS A 111 -11.75 -47.17 4.43
N PRO A 112 -12.34 -46.18 5.11
CA PRO A 112 -11.54 -45.41 6.07
C PRO A 112 -10.90 -46.32 7.12
N ARG A 113 -11.70 -47.20 7.73
CA ARG A 113 -11.13 -48.12 8.71
C ARG A 113 -10.02 -48.98 8.12
N SER A 114 -10.23 -49.48 6.90
CA SER A 114 -9.22 -50.28 6.23
C SER A 114 -7.94 -49.45 6.27
N GLU A 115 -8.04 -48.22 5.78
CA GLU A 115 -6.91 -47.31 5.73
C GLU A 115 -6.22 -47.14 7.07
N SER A 116 -7.00 -47.13 8.15
CA SER A 116 -6.42 -46.99 9.48
C SER A 116 -5.56 -48.21 9.74
N LEU A 117 -6.15 -49.37 9.48
CA LEU A 117 -5.49 -50.63 9.68
C LEU A 117 -4.26 -50.76 8.80
N TRP A 118 -4.39 -50.38 7.54
CA TRP A 118 -3.27 -50.48 6.61
C TRP A 118 -2.13 -49.57 7.01
N ARG A 119 -2.49 -48.42 7.55
CA ARG A 119 -1.53 -47.44 7.97
C ARG A 119 -0.72 -48.02 9.12
N GLN A 120 -1.36 -48.87 9.90
CA GLN A 120 -0.74 -49.48 11.06
C GLN A 120 0.02 -50.78 10.86
N CYS A 121 0.00 -51.34 9.66
CA CYS A 121 0.70 -52.60 9.42
C CYS A 121 1.16 -52.79 7.98
N SER A 122 1.24 -51.72 7.21
CA SER A 122 1.65 -51.83 5.81
C SER A 122 3.07 -52.38 5.62
N ASP A 123 3.93 -52.17 6.61
CA ASP A 123 5.32 -52.63 6.56
C ASP A 123 5.44 -54.14 6.81
N CYS A 124 4.46 -54.68 7.53
CA CYS A 124 4.41 -56.09 7.88
C CYS A 124 5.02 -56.99 6.81
N PRO A 125 5.87 -57.94 7.21
CA PRO A 125 6.54 -58.88 6.30
C PRO A 125 5.59 -59.55 5.34
N PHE A 126 4.48 -60.07 5.89
CA PHE A 126 3.46 -60.75 5.10
C PHE A 126 3.20 -60.07 3.76
N PHE A 127 2.86 -58.78 3.80
CA PHE A 127 2.57 -58.05 2.57
C PHE A 127 3.75 -57.97 1.64
N GLN A 128 4.91 -57.60 2.18
CA GLN A 128 6.13 -57.50 1.41
C GLN A 128 6.32 -58.78 0.57
N GLU A 129 6.08 -59.91 1.22
CA GLU A 129 6.21 -61.21 0.57
C GLU A 129 5.22 -61.37 -0.57
N CYS A 130 3.92 -61.27 -0.25
CA CYS A 130 2.87 -61.40 -1.24
C CYS A 130 3.19 -60.56 -2.46
N GLN A 131 3.74 -59.37 -2.22
CA GLN A 131 4.09 -58.48 -3.31
C GLN A 131 5.20 -59.03 -4.21
N LYS A 132 6.22 -59.64 -3.59
CA LYS A 132 7.31 -60.22 -4.36
C LYS A 132 6.69 -61.26 -5.28
N LYS A 133 6.08 -62.27 -4.66
CA LYS A 133 5.42 -63.37 -5.35
C LYS A 133 4.59 -62.88 -6.52
N LEU A 134 3.88 -61.77 -6.33
CA LEU A 134 3.06 -61.20 -7.39
C LEU A 134 3.90 -60.42 -8.39
N ASP A 135 5.10 -60.02 -7.97
CA ASP A 135 5.98 -59.26 -8.84
C ASP A 135 5.31 -57.93 -9.15
N HIS A 136 4.58 -57.39 -8.17
CA HIS A 136 3.87 -56.13 -8.32
C HIS A 136 4.78 -54.93 -8.06
N LYS A 137 4.81 -54.00 -9.02
CA LYS A 137 5.62 -52.79 -8.89
C LYS A 137 5.02 -51.95 -7.75
N LEU A 138 3.68 -52.02 -7.62
CA LEU A 138 2.92 -51.29 -6.61
C LEU A 138 2.46 -52.18 -5.47
N SER A 139 2.08 -51.56 -4.35
CA SER A 139 1.61 -52.31 -3.17
C SER A 139 0.09 -52.38 -3.01
N LEU A 140 -0.35 -53.36 -2.23
CA LEU A 140 -1.76 -53.61 -1.97
C LEU A 140 -2.69 -52.42 -1.86
N ASP A 141 -2.23 -51.34 -1.23
CA ASP A 141 -3.10 -50.19 -1.04
C ASP A 141 -3.59 -49.51 -2.31
N SER A 142 -2.79 -49.55 -3.38
CA SER A 142 -3.24 -48.92 -4.61
C SER A 142 -4.35 -49.72 -5.28
N TYR A 143 -4.44 -51.01 -4.97
CA TYR A 143 -5.51 -51.82 -5.54
C TYR A 143 -6.77 -51.67 -4.71
N LEU A 144 -6.60 -51.59 -3.39
CA LEU A 144 -7.75 -51.45 -2.50
C LEU A 144 -8.52 -50.19 -2.88
N LEU A 145 -7.87 -49.34 -3.65
CA LEU A 145 -8.48 -48.09 -4.06
C LEU A 145 -9.26 -48.26 -5.36
N LYS A 146 -8.97 -49.31 -6.10
CA LYS A 146 -9.62 -49.57 -7.38
C LYS A 146 -11.14 -49.48 -7.42
N PRO A 147 -11.83 -50.10 -6.46
CA PRO A 147 -13.30 -50.02 -6.50
C PRO A 147 -13.82 -48.58 -6.49
N VAL A 148 -13.27 -47.78 -5.57
CA VAL A 148 -13.68 -46.38 -5.41
C VAL A 148 -13.65 -45.59 -6.71
N GLN A 149 -12.55 -45.75 -7.44
CA GLN A 149 -12.32 -45.08 -8.70
C GLN A 149 -13.25 -45.58 -9.79
N ARG A 150 -13.38 -46.90 -9.87
CA ARG A 150 -14.23 -47.51 -10.90
C ARG A 150 -15.58 -46.83 -11.07
N ILE A 151 -16.16 -46.40 -9.96
CA ILE A 151 -17.46 -45.78 -10.02
C ILE A 151 -17.44 -44.44 -10.73
N THR A 152 -16.31 -43.74 -10.64
CA THR A 152 -16.20 -42.45 -11.30
C THR A 152 -15.86 -42.66 -12.76
N LYS A 153 -15.03 -43.65 -13.05
CA LYS A 153 -14.64 -43.93 -14.41
C LYS A 153 -15.95 -44.11 -15.17
N TYR A 154 -16.84 -44.89 -14.56
CA TYR A 154 -18.14 -45.12 -15.15
C TYR A 154 -18.78 -43.78 -15.49
N GLN A 155 -18.85 -42.90 -14.50
CA GLN A 155 -19.45 -41.58 -14.68
C GLN A 155 -18.84 -40.87 -15.88
N LEU A 156 -17.52 -40.78 -15.90
CA LEU A 156 -16.86 -40.12 -17.03
C LEU A 156 -17.20 -40.83 -18.35
N LEU A 157 -17.10 -42.15 -18.37
CA LEU A 157 -17.41 -42.87 -19.59
C LEU A 157 -18.85 -42.67 -20.02
N LEU A 158 -19.78 -42.77 -19.08
CA LEU A 158 -21.18 -42.59 -19.44
C LEU A 158 -21.39 -41.18 -19.97
N LYS A 159 -20.74 -40.21 -19.35
CA LYS A 159 -20.84 -38.82 -19.76
C LYS A 159 -20.34 -38.69 -21.20
N GLU A 160 -19.34 -39.47 -21.55
CA GLU A 160 -18.73 -39.45 -22.87
C GLU A 160 -19.61 -40.13 -23.90
N MET A 161 -20.24 -41.23 -23.51
CA MET A 161 -21.13 -41.98 -24.40
C MET A 161 -22.29 -41.11 -24.87
N LEU A 162 -22.98 -40.51 -23.91
CA LEU A 162 -24.10 -39.64 -24.18
C LEU A 162 -23.68 -38.55 -25.16
N LYS A 163 -22.48 -38.00 -24.94
CA LYS A 163 -21.92 -36.94 -25.77
C LYS A 163 -22.05 -37.24 -27.27
N TYR A 164 -21.86 -38.51 -27.64
CA TYR A 164 -21.95 -38.90 -29.04
C TYR A 164 -23.21 -39.70 -29.28
N SER A 165 -24.25 -39.47 -28.47
CA SER A 165 -25.48 -40.23 -28.63
C SER A 165 -26.76 -39.42 -28.39
N LYS A 166 -26.64 -38.11 -28.26
CA LYS A 166 -27.80 -37.28 -28.00
C LYS A 166 -29.00 -37.57 -28.90
N HIS A 167 -28.73 -38.07 -30.12
CA HIS A 167 -29.80 -38.38 -31.07
C HIS A 167 -30.11 -39.86 -31.22
N CYS A 168 -29.31 -40.72 -30.58
CA CYS A 168 -29.54 -42.16 -30.68
C CYS A 168 -30.62 -42.66 -29.75
N GLU A 169 -31.16 -43.84 -30.05
CA GLU A 169 -32.18 -44.41 -29.20
C GLU A 169 -31.43 -44.96 -28.00
N GLY A 170 -31.81 -44.47 -26.82
CA GLY A 170 -31.16 -44.92 -25.60
C GLY A 170 -30.57 -43.72 -24.88
N ALA A 171 -30.52 -42.60 -25.58
CA ALA A 171 -29.99 -41.38 -25.03
C ALA A 171 -30.73 -41.12 -23.73
N GLU A 172 -31.98 -41.57 -23.66
CA GLU A 172 -32.79 -41.39 -22.46
C GLU A 172 -32.15 -42.15 -21.31
N ASP A 173 -31.86 -43.42 -21.54
CA ASP A 173 -31.25 -44.27 -20.52
C ASP A 173 -29.87 -43.76 -20.10
N LEU A 174 -29.04 -43.40 -21.07
CA LEU A 174 -27.72 -42.88 -20.78
C LEU A 174 -27.83 -41.80 -19.71
N GLN A 175 -28.64 -40.77 -19.97
CA GLN A 175 -28.78 -39.70 -19.00
C GLN A 175 -29.14 -40.29 -17.64
N GLU A 176 -30.26 -41.00 -17.59
CA GLU A 176 -30.71 -41.61 -16.37
C GLU A 176 -29.55 -42.31 -15.68
N ALA A 177 -28.87 -43.20 -16.41
CA ALA A 177 -27.74 -43.93 -15.85
C ALA A 177 -26.75 -42.95 -15.26
N LEU A 178 -26.31 -42.01 -16.09
CA LEU A 178 -25.38 -41.00 -15.63
C LEU A 178 -25.86 -40.35 -14.32
N SER A 179 -27.09 -39.86 -14.32
CA SER A 179 -27.63 -39.22 -13.15
C SER A 179 -27.56 -40.15 -11.96
N SER A 180 -27.90 -41.41 -12.19
CA SER A 180 -27.89 -42.41 -11.12
C SER A 180 -26.51 -42.60 -10.49
N ILE A 181 -25.49 -42.70 -11.34
CA ILE A 181 -24.12 -42.88 -10.89
C ILE A 181 -23.73 -41.69 -10.02
N LEU A 182 -24.08 -40.50 -10.50
CA LEU A 182 -23.80 -39.27 -9.78
C LEU A 182 -24.50 -39.40 -8.43
N GLY A 183 -25.67 -40.01 -8.46
CA GLY A 183 -26.41 -40.25 -7.24
C GLY A 183 -25.56 -41.11 -6.33
N ILE A 184 -25.16 -42.30 -6.78
CA ILE A 184 -24.33 -43.16 -5.95
C ILE A 184 -23.16 -42.35 -5.39
N LEU A 185 -22.49 -41.59 -6.25
CA LEU A 185 -21.37 -40.79 -5.78
C LEU A 185 -21.77 -39.85 -4.66
N LYS A 186 -22.86 -39.11 -4.84
CA LYS A 186 -23.29 -38.18 -3.79
C LYS A 186 -23.55 -38.96 -2.53
N ALA A 187 -24.19 -40.10 -2.71
CA ALA A 187 -24.53 -40.96 -1.60
C ALA A 187 -23.26 -41.28 -0.83
N VAL A 188 -22.39 -42.00 -1.50
CA VAL A 188 -21.13 -42.38 -0.90
C VAL A 188 -20.45 -41.18 -0.21
N ASN A 189 -20.32 -40.07 -0.92
CA ASN A 189 -19.68 -38.91 -0.34
C ASN A 189 -20.36 -38.41 0.94
N ASP A 190 -21.69 -38.33 0.93
CA ASP A 190 -22.38 -37.86 2.12
C ASP A 190 -22.13 -38.89 3.22
N SER A 191 -22.30 -40.18 2.91
CA SER A 191 -22.11 -41.23 3.90
C SER A 191 -20.76 -41.06 4.62
N MET A 192 -19.72 -40.77 3.85
CA MET A 192 -18.40 -40.60 4.46
C MET A 192 -18.39 -39.54 5.55
N HIS A 193 -19.16 -38.48 5.37
CA HIS A 193 -19.19 -37.44 6.39
C HIS A 193 -19.94 -37.87 7.61
N LEU A 194 -21.05 -38.56 7.39
CA LEU A 194 -21.89 -39.04 8.49
C LEU A 194 -21.13 -40.03 9.38
N ILE A 195 -20.30 -40.86 8.76
CA ILE A 195 -19.56 -41.84 9.51
C ILE A 195 -18.44 -41.21 10.30
N ALA A 196 -18.32 -39.90 10.22
CA ALA A 196 -17.29 -39.16 10.96
C ALA A 196 -17.89 -38.35 12.10
N ILE A 197 -19.19 -38.57 12.34
CA ILE A 197 -19.94 -37.89 13.40
C ILE A 197 -19.64 -38.66 14.68
N THR A 198 -19.21 -37.96 15.72
CA THR A 198 -18.90 -38.59 16.99
C THR A 198 -19.77 -38.06 18.10
N GLY A 199 -20.11 -38.92 19.05
CA GLY A 199 -20.90 -38.50 20.17
C GLY A 199 -22.38 -38.42 19.93
N TYR A 200 -22.92 -39.31 19.13
CA TYR A 200 -24.35 -39.25 18.91
C TYR A 200 -25.07 -40.38 19.67
N ASP A 201 -25.37 -40.11 20.94
CA ASP A 201 -26.06 -41.07 21.81
C ASP A 201 -27.17 -41.79 21.02
N GLY A 202 -26.84 -42.96 20.50
CA GLY A 202 -27.81 -43.72 19.74
C GLY A 202 -27.32 -43.98 18.33
N ASN A 203 -28.18 -44.58 17.51
CA ASN A 203 -27.84 -44.90 16.13
C ASN A 203 -28.42 -43.85 15.18
N LEU A 204 -27.54 -43.04 14.61
CA LEU A 204 -27.95 -41.99 13.71
C LEU A 204 -28.56 -42.53 12.43
N GLY A 205 -29.26 -43.64 12.55
CA GLY A 205 -29.88 -44.24 11.39
C GLY A 205 -31.39 -44.28 11.58
N ASP A 206 -31.83 -44.07 12.81
CA ASP A 206 -33.25 -44.08 13.11
C ASP A 206 -33.87 -42.73 12.77
N LEU A 207 -33.06 -41.81 12.25
CA LEU A 207 -33.58 -40.48 11.90
C LEU A 207 -33.69 -40.22 10.39
N GLY A 208 -34.03 -41.26 9.64
CA GLY A 208 -34.20 -41.13 8.21
C GLY A 208 -32.91 -41.19 7.41
N LYS A 209 -33.03 -41.11 6.09
CA LYS A 209 -31.85 -41.15 5.25
C LYS A 209 -31.22 -39.77 5.12
N LEU A 210 -29.90 -39.76 4.93
CA LEU A 210 -29.17 -38.51 4.78
C LEU A 210 -29.39 -37.92 3.39
N LEU A 211 -30.01 -36.74 3.34
CA LEU A 211 -30.28 -36.12 2.06
C LEU A 211 -29.25 -35.08 1.69
N MET A 212 -28.68 -34.43 2.68
CA MET A 212 -27.70 -33.39 2.41
C MET A 212 -26.83 -33.20 3.61
N GLN A 213 -25.63 -32.70 3.38
CA GLN A 213 -24.70 -32.41 4.46
C GLN A 213 -23.81 -31.34 3.89
N GLY A 214 -23.16 -30.58 4.76
CA GLY A 214 -22.29 -29.53 4.28
C GLY A 214 -22.07 -28.57 5.43
N SER A 215 -21.23 -27.57 5.21
CA SER A 215 -20.92 -26.61 6.26
C SER A 215 -21.65 -25.29 6.09
N PHE A 216 -21.98 -24.68 7.23
CA PHE A 216 -22.66 -23.38 7.27
C PHE A 216 -22.26 -22.60 8.52
N SER A 217 -22.58 -21.30 8.51
CA SER A 217 -22.33 -20.42 9.65
C SER A 217 -23.69 -20.33 10.33
N VAL A 218 -23.72 -20.46 11.65
CA VAL A 218 -25.01 -20.46 12.33
C VAL A 218 -25.14 -19.45 13.46
N TRP A 219 -26.25 -18.72 13.43
CA TRP A 219 -26.56 -17.73 14.46
C TRP A 219 -27.85 -18.20 15.10
N THR A 220 -28.10 -17.80 16.35
CA THR A 220 -29.33 -18.22 17.01
C THR A 220 -30.09 -17.05 17.63
N ASP A 221 -31.04 -16.50 16.90
CA ASP A 221 -31.85 -15.39 17.40
C ASP A 221 -33.03 -15.90 18.23
N HIS A 222 -32.75 -16.23 19.50
CA HIS A 222 -33.76 -16.75 20.41
C HIS A 222 -34.33 -15.71 21.36
N LYS A 223 -35.54 -15.97 21.83
CA LYS A 223 -36.19 -15.06 22.75
C LYS A 223 -36.55 -15.81 24.03
N ALA A 233 -23.93 -11.91 20.73
CA ALA A 233 -22.63 -12.33 20.11
C ALA A 233 -22.38 -11.57 18.83
N ARG A 234 -22.74 -10.28 18.83
CA ARG A 234 -22.57 -9.41 17.68
C ARG A 234 -22.90 -10.16 16.39
N PHE A 235 -21.87 -10.36 15.58
CA PHE A 235 -21.98 -11.09 14.32
C PHE A 235 -20.95 -12.20 14.36
N LYS A 236 -20.83 -12.84 15.53
CA LYS A 236 -19.87 -13.92 15.71
C LYS A 236 -20.60 -15.26 15.67
N PRO A 237 -20.69 -15.84 14.47
CA PRO A 237 -21.35 -17.11 14.21
C PRO A 237 -20.48 -18.28 14.58
N MET A 238 -21.11 -19.44 14.68
CA MET A 238 -20.38 -20.65 14.96
C MET A 238 -20.30 -21.31 13.60
N GLN A 239 -19.25 -22.09 13.40
CA GLN A 239 -19.08 -22.82 12.15
C GLN A 239 -19.56 -24.22 12.48
N ARG A 240 -20.64 -24.63 11.82
CA ARG A 240 -21.21 -25.94 12.07
C ARG A 240 -21.34 -26.72 10.78
N HIS A 241 -21.30 -28.04 10.90
CA HIS A 241 -21.48 -28.89 9.74
C HIS A 241 -22.85 -29.49 9.89
N LEU A 242 -23.76 -29.17 8.97
CA LEU A 242 -25.13 -29.66 9.04
C LEU A 242 -25.35 -30.95 8.29
N PHE A 243 -26.24 -31.77 8.83
CA PHE A 243 -26.60 -33.04 8.25
C PHE A 243 -28.11 -33.07 8.16
N LEU A 244 -28.60 -32.94 6.93
CA LEU A 244 -30.04 -32.93 6.69
C LEU A 244 -30.58 -34.32 6.41
N HIS A 245 -31.27 -34.86 7.42
CA HIS A 245 -31.90 -36.18 7.33
C HIS A 245 -33.41 -36.08 7.06
N GLU A 246 -34.08 -37.23 7.07
CA GLU A 246 -35.52 -37.23 6.80
C GLU A 246 -36.30 -36.79 8.02
N LYS A 247 -35.79 -37.16 9.19
CA LYS A 247 -36.44 -36.80 10.44
C LYS A 247 -35.77 -35.64 11.18
N ALA A 248 -34.55 -35.30 10.81
CA ALA A 248 -33.90 -34.20 11.50
C ALA A 248 -32.81 -33.48 10.73
N VAL A 249 -32.17 -32.59 11.46
CA VAL A 249 -31.07 -31.79 10.94
C VAL A 249 -30.09 -31.79 12.08
N LEU A 250 -28.96 -32.47 11.89
CA LEU A 250 -27.95 -32.54 12.92
C LEU A 250 -26.97 -31.40 12.76
N PHE A 251 -26.48 -30.90 13.90
CA PHE A 251 -25.51 -29.82 13.92
C PHE A 251 -24.25 -30.38 14.55
N CYS A 252 -23.13 -30.22 13.86
CA CYS A 252 -21.85 -30.72 14.36
C CYS A 252 -20.77 -29.68 14.21
N LYS A 253 -19.69 -29.87 14.97
CA LYS A 253 -18.54 -28.98 14.89
C LYS A 253 -17.42 -29.78 14.25
N LYS A 254 -16.77 -29.19 13.25
CA LYS A 254 -15.68 -29.89 12.59
C LYS A 254 -14.43 -29.83 13.46
N ARG A 255 -13.95 -30.98 13.90
CA ARG A 255 -12.76 -31.06 14.75
C ARG A 255 -11.58 -30.45 14.02
N GLU A 256 -10.82 -29.61 14.72
CA GLU A 256 -9.65 -28.94 14.15
C GLU A 256 -8.41 -29.85 14.09
N PRO A 266 -11.50 -36.04 7.94
CA PRO A 266 -12.36 -34.96 8.50
C PRO A 266 -13.26 -35.58 9.56
N SER A 267 -13.43 -34.90 10.69
CA SER A 267 -14.27 -35.42 11.76
C SER A 267 -15.19 -34.34 12.35
N TYR A 268 -16.36 -34.76 12.85
CA TYR A 268 -17.33 -33.82 13.43
C TYR A 268 -17.94 -34.28 14.77
N SER A 269 -18.05 -33.34 15.70
CA SER A 269 -18.63 -33.62 17.02
C SER A 269 -20.10 -33.16 17.01
N TYR A 270 -21.03 -34.08 17.30
CA TYR A 270 -22.46 -33.78 17.35
C TYR A 270 -22.72 -32.67 18.35
N LYS A 271 -23.63 -31.77 18.03
CA LYS A 271 -23.95 -30.67 18.94
C LYS A 271 -25.40 -30.75 19.35
N GLN A 272 -26.31 -30.71 18.39
CA GLN A 272 -27.73 -30.84 18.71
C GLN A 272 -28.59 -31.18 17.50
N SER A 273 -29.80 -31.64 17.76
CA SER A 273 -30.71 -31.99 16.67
C SER A 273 -31.88 -31.04 16.58
N LEU A 274 -32.60 -31.14 15.48
CA LEU A 274 -33.77 -30.33 15.27
C LEU A 274 -34.82 -31.25 14.67
N ASN A 275 -35.74 -31.72 15.53
CA ASN A 275 -36.82 -32.60 15.11
C ASN A 275 -37.48 -31.91 13.89
N MET A 276 -37.52 -32.60 12.76
CA MET A 276 -38.09 -32.04 11.55
C MET A 276 -39.61 -31.82 11.60
N THR A 277 -40.17 -31.60 12.79
CA THR A 277 -41.60 -31.38 12.92
C THR A 277 -41.94 -30.04 13.50
N ALA A 278 -43.12 -29.55 13.15
CA ALA A 278 -43.59 -28.26 13.64
C ALA A 278 -42.55 -27.22 13.23
N VAL A 279 -41.80 -27.53 12.18
CA VAL A 279 -40.75 -26.63 11.76
C VAL A 279 -41.27 -25.51 10.88
N GLY A 280 -40.70 -24.33 11.08
CA GLY A 280 -41.05 -23.15 10.31
C GLY A 280 -39.77 -22.63 9.69
N ILE A 281 -39.80 -22.44 8.37
CA ILE A 281 -38.65 -21.96 7.60
C ILE A 281 -38.90 -20.55 7.07
N THR A 282 -37.82 -19.86 6.73
CA THR A 282 -37.90 -18.51 6.18
C THR A 282 -37.02 -18.50 4.95
N GLU A 283 -37.62 -18.82 3.82
CA GLU A 283 -36.91 -18.91 2.55
C GLU A 283 -36.03 -17.71 2.19
N ASN A 284 -36.23 -16.57 2.84
CA ASN A 284 -35.43 -15.39 2.51
C ASN A 284 -35.32 -14.31 3.57
N VAL A 285 -34.08 -13.96 3.91
CA VAL A 285 -33.81 -12.91 4.90
C VAL A 285 -33.11 -11.74 4.21
N LYS A 286 -33.18 -10.57 4.83
CA LYS A 286 -32.53 -9.37 4.28
C LYS A 286 -31.12 -9.31 4.84
N GLY A 287 -30.14 -9.14 3.95
CA GLY A 287 -28.75 -9.08 4.36
C GLY A 287 -27.86 -9.78 3.36
N ASP A 288 -28.30 -10.95 2.93
CA ASP A 288 -27.57 -11.74 1.93
C ASP A 288 -28.42 -12.91 1.45
N THR A 289 -28.42 -13.09 0.13
CA THR A 289 -29.18 -14.15 -0.52
C THR A 289 -28.80 -15.55 -0.08
N LYS A 290 -27.73 -15.65 0.71
CA LYS A 290 -27.24 -16.94 1.21
C LYS A 290 -27.77 -17.27 2.60
N LYS A 291 -28.64 -16.40 3.13
CA LYS A 291 -29.22 -16.64 4.43
C LYS A 291 -30.67 -17.06 4.28
N PHE A 292 -31.02 -18.07 5.06
CA PHE A 292 -32.38 -18.58 5.12
C PHE A 292 -32.42 -18.96 6.57
N GLU A 293 -33.58 -19.24 7.14
CA GLU A 293 -33.57 -19.59 8.56
C GLU A 293 -34.53 -20.68 8.98
N ILE A 294 -34.04 -21.53 9.89
CA ILE A 294 -34.79 -22.66 10.43
C ILE A 294 -35.20 -22.27 11.84
N TRP A 295 -36.50 -22.37 12.14
CA TRP A 295 -37.00 -22.03 13.47
C TRP A 295 -38.12 -22.92 14.02
N TYR A 296 -38.22 -22.96 15.35
CA TYR A 296 -39.22 -23.78 16.02
C TYR A 296 -40.26 -22.97 16.80
N ASN A 297 -41.46 -23.54 16.93
CA ASN A 297 -42.58 -22.89 17.61
C ASN A 297 -43.00 -21.58 17.00
N ALA A 298 -43.35 -20.63 17.86
CA ALA A 298 -43.79 -19.33 17.39
C ALA A 298 -42.61 -18.46 16.99
N ARG A 299 -41.40 -19.00 17.14
CA ARG A 299 -40.14 -18.31 16.81
C ARG A 299 -39.36 -17.83 18.02
N GLU A 300 -39.61 -18.43 19.18
CA GLU A 300 -38.87 -18.07 20.37
C GLU A 300 -37.57 -18.87 20.26
N GLU A 301 -37.54 -19.73 19.24
CA GLU A 301 -36.38 -20.56 18.91
C GLU A 301 -36.20 -20.35 17.41
N VAL A 302 -35.04 -19.84 17.03
CA VAL A 302 -34.75 -19.54 15.64
C VAL A 302 -33.28 -19.77 15.33
N TYR A 303 -33.02 -20.31 14.14
CA TYR A 303 -31.66 -20.55 13.69
C TYR A 303 -31.48 -19.87 12.36
N ILE A 304 -30.44 -19.04 12.29
CA ILE A 304 -30.14 -18.36 11.05
C ILE A 304 -28.92 -19.07 10.50
N ILE A 305 -29.10 -19.69 9.35
CA ILE A 305 -28.04 -20.43 8.70
C ILE A 305 -27.61 -19.67 7.44
N GLN A 306 -26.30 -19.49 7.31
CA GLN A 306 -25.74 -18.80 6.16
C GLN A 306 -25.03 -19.86 5.34
N ALA A 307 -25.46 -20.05 4.10
CA ALA A 307 -24.83 -21.04 3.25
C ALA A 307 -23.59 -20.46 2.60
N PRO A 308 -22.66 -21.32 2.15
CA PRO A 308 -21.46 -20.76 1.51
C PRO A 308 -21.76 -20.08 0.17
N THR A 309 -23.00 -20.21 -0.31
CA THR A 309 -23.41 -19.59 -1.58
C THR A 309 -24.93 -19.54 -1.66
N PRO A 310 -25.50 -18.53 -2.34
CA PRO A 310 -26.97 -18.44 -2.44
C PRO A 310 -27.55 -19.64 -3.16
N GLU A 311 -26.69 -20.32 -3.92
CA GLU A 311 -27.09 -21.50 -4.67
C GLU A 311 -27.34 -22.63 -3.66
N ILE A 312 -26.31 -22.96 -2.89
CA ILE A 312 -26.42 -23.99 -1.87
C ILE A 312 -27.69 -23.75 -1.09
N LYS A 313 -27.77 -22.56 -0.49
CA LYS A 313 -28.95 -22.17 0.29
C LYS A 313 -30.22 -22.60 -0.42
N ALA A 314 -30.31 -22.32 -1.71
CA ALA A 314 -31.48 -22.70 -2.47
C ALA A 314 -31.76 -24.18 -2.25
N ALA A 315 -30.80 -25.02 -2.65
CA ALA A 315 -30.95 -26.46 -2.51
C ALA A 315 -31.41 -26.89 -1.12
N TRP A 316 -30.71 -26.45 -0.08
CA TRP A 316 -31.10 -26.83 1.27
C TRP A 316 -32.53 -26.44 1.57
N VAL A 317 -32.87 -25.17 1.33
CA VAL A 317 -34.22 -24.74 1.61
C VAL A 317 -35.16 -25.66 0.82
N ASN A 318 -34.82 -25.91 -0.44
CA ASN A 318 -35.64 -26.77 -1.28
C ASN A 318 -35.76 -28.20 -0.73
N GLU A 319 -34.62 -28.83 -0.46
CA GLU A 319 -34.64 -30.19 0.07
C GLU A 319 -35.41 -30.25 1.39
N ILE A 320 -35.43 -29.12 2.11
CA ILE A 320 -36.14 -29.06 3.37
C ILE A 320 -37.64 -29.02 3.11
N ARG A 321 -38.06 -28.24 2.13
CA ARG A 321 -39.49 -28.15 1.79
C ARG A 321 -39.98 -29.57 1.56
N LYS A 322 -39.26 -30.30 0.72
CA LYS A 322 -39.62 -31.67 0.38
C LYS A 322 -39.81 -32.51 1.63
N VAL A 323 -38.87 -32.40 2.57
CA VAL A 323 -38.98 -33.19 3.78
C VAL A 323 -40.23 -32.87 4.57
N LEU A 324 -40.48 -31.60 4.83
CA LEU A 324 -41.68 -31.28 5.57
C LEU A 324 -42.88 -31.77 4.79
N THR A 325 -42.89 -31.52 3.49
CA THR A 325 -43.99 -31.96 2.64
C THR A 325 -44.19 -33.44 2.86
N SER A 326 -43.08 -34.16 2.88
CA SER A 326 -43.09 -35.59 3.09
C SER A 326 -43.46 -35.90 4.54
N GLN A 327 -42.74 -35.28 5.46
CA GLN A 327 -42.97 -35.45 6.89
C GLN A 327 -44.44 -35.18 7.19
N LEU A 328 -44.96 -34.11 6.60
CA LEU A 328 -46.36 -33.72 6.74
C LEU A 328 -47.24 -34.85 6.25
N GLN A 329 -47.29 -35.05 4.93
CA GLN A 329 -48.10 -36.10 4.32
C GLN A 329 -47.70 -37.51 4.75
N ALA A 330 -47.01 -37.60 5.90
CA ALA A 330 -46.59 -38.87 6.48
C ALA A 330 -47.53 -39.05 7.65
N CYS A 331 -48.70 -38.45 7.50
CA CYS A 331 -49.77 -38.48 8.49
C CYS A 331 -51.09 -38.28 7.76
N ARG A 332 -51.11 -37.32 6.82
CA ARG A 332 -52.31 -37.01 6.03
C ARG A 332 -53.12 -38.23 5.63
N GLU A 333 -52.45 -39.25 5.09
CA GLU A 333 -53.11 -40.48 4.68
C GLU A 333 -52.62 -41.58 5.62
N ALA A 334 -52.00 -41.16 6.72
CA ALA A 334 -51.47 -42.06 7.72
C ALA A 334 -51.91 -41.64 9.12
N SER A 335 -53.20 -41.81 9.41
CA SER A 335 -53.76 -41.45 10.71
C SER A 335 -54.98 -42.32 11.00
N GLN A 336 -55.43 -43.01 9.96
CA GLN A 336 -56.59 -43.90 10.09
C GLN A 336 -56.15 -45.19 10.77
N HIS A 337 -54.85 -45.27 11.05
CA HIS A 337 -54.28 -46.46 11.70
C HIS A 337 -53.84 -46.13 13.13
N GLU B 3 3.99 -64.93 24.46
CA GLU B 3 3.55 -64.09 23.32
C GLU B 3 3.49 -62.63 23.73
N GLU B 4 4.23 -61.80 22.99
CA GLU B 4 4.27 -60.38 23.25
C GLU B 4 2.86 -59.84 23.23
N GLU B 5 2.22 -59.93 22.08
CA GLU B 5 0.86 -59.44 21.93
C GLU B 5 -0.06 -59.90 23.05
N GLU B 6 0.35 -60.89 23.82
CA GLU B 6 -0.50 -61.35 24.90
C GLU B 6 -0.22 -60.56 26.17
N SER B 7 1.04 -60.54 26.60
CA SER B 7 1.40 -59.79 27.79
C SER B 7 1.00 -58.34 27.57
N LEU B 8 1.45 -57.77 26.45
CA LEU B 8 1.12 -56.41 26.11
C LEU B 8 -0.36 -56.10 26.30
N ALA B 9 -1.22 -56.95 25.78
CA ALA B 9 -2.64 -56.69 25.89
C ALA B 9 -3.07 -56.57 27.33
N ILE B 10 -2.49 -57.39 28.20
CA ILE B 10 -2.85 -57.32 29.60
C ILE B 10 -2.29 -56.02 30.20
N LEU B 11 -1.03 -55.68 29.92
CA LEU B 11 -0.50 -54.43 30.47
C LEU B 11 -1.47 -53.31 30.08
N ARG B 12 -1.96 -53.33 28.85
CA ARG B 12 -2.89 -52.31 28.41
C ARG B 12 -4.04 -52.25 29.41
N ARG B 13 -4.49 -53.44 29.83
CA ARG B 13 -5.58 -53.56 30.80
C ARG B 13 -5.23 -52.85 32.11
N HIS B 14 -4.04 -53.13 32.63
CA HIS B 14 -3.57 -52.53 33.87
C HIS B 14 -3.60 -51.01 33.75
N VAL B 15 -3.06 -50.48 32.66
CA VAL B 15 -3.07 -49.03 32.48
C VAL B 15 -4.51 -48.59 32.53
N MET B 16 -5.32 -49.20 31.66
CA MET B 16 -6.73 -48.88 31.55
C MET B 16 -7.43 -48.96 32.90
N ASN B 17 -6.94 -49.83 33.78
CA ASN B 17 -7.57 -49.96 35.11
C ASN B 17 -7.18 -48.81 36.01
N GLU B 18 -5.91 -48.43 35.96
CA GLU B 18 -5.48 -47.32 36.79
C GLU B 18 -6.23 -46.08 36.32
N LEU B 19 -6.42 -45.95 35.01
CA LEU B 19 -7.13 -44.80 34.46
C LEU B 19 -8.55 -44.70 35.04
N LEU B 20 -9.27 -45.83 35.03
CA LEU B 20 -10.62 -45.81 35.53
C LEU B 20 -10.69 -45.58 37.03
N ASP B 21 -9.87 -46.28 37.81
CA ASP B 21 -9.87 -46.08 39.27
C ASP B 21 -9.58 -44.61 39.60
N THR B 22 -8.42 -44.12 39.21
CA THR B 22 -8.09 -42.72 39.45
C THR B 22 -9.22 -41.79 38.95
N GLU B 23 -9.86 -42.16 37.85
CA GLU B 23 -10.94 -41.33 37.32
C GLU B 23 -12.09 -41.18 38.32
N ARG B 24 -12.49 -42.29 38.95
CA ARG B 24 -13.54 -42.24 39.95
C ARG B 24 -12.99 -41.45 41.12
N ALA B 25 -11.85 -41.89 41.63
CA ALA B 25 -11.25 -41.17 42.72
C ALA B 25 -11.41 -39.69 42.47
N TYR B 26 -10.97 -39.23 41.30
CA TYR B 26 -11.03 -37.83 40.92
C TYR B 26 -12.44 -37.28 41.10
N VAL B 27 -13.41 -37.81 40.36
CA VAL B 27 -14.78 -37.33 40.48
C VAL B 27 -15.20 -37.23 41.92
N GLU B 28 -14.90 -38.28 42.68
CA GLU B 28 -15.21 -38.34 44.10
C GLU B 28 -14.60 -37.15 44.84
N GLU B 29 -13.28 -37.00 44.73
CA GLU B 29 -12.56 -35.92 45.40
C GLU B 29 -13.10 -34.52 45.04
N LEU B 30 -13.24 -34.23 43.74
CA LEU B 30 -13.75 -32.93 43.31
C LEU B 30 -15.11 -32.66 43.90
N LEU B 31 -15.91 -33.70 44.04
CA LEU B 31 -17.23 -33.55 44.61
C LEU B 31 -17.24 -33.16 46.08
N CYS B 32 -16.64 -34.02 46.90
CA CYS B 32 -16.58 -33.82 48.33
C CYS B 32 -15.99 -32.45 48.74
N VAL B 33 -15.39 -31.76 47.79
CA VAL B 33 -14.81 -30.46 48.10
C VAL B 33 -15.74 -29.37 47.62
N LEU B 34 -16.40 -29.61 46.50
CA LEU B 34 -17.33 -28.63 46.00
C LEU B 34 -18.39 -28.41 47.08
N GLU B 35 -18.81 -29.51 47.71
CA GLU B 35 -19.81 -29.46 48.77
C GLU B 35 -19.18 -29.19 50.12
N GLY B 36 -18.07 -29.83 50.40
CA GLY B 36 -17.42 -29.64 51.68
C GLY B 36 -16.87 -28.24 51.92
N TYR B 37 -16.51 -27.54 50.86
CA TYR B 37 -15.96 -26.21 51.03
C TYR B 37 -16.68 -25.12 50.23
N ALA B 38 -16.64 -25.23 48.90
CA ALA B 38 -17.27 -24.22 48.06
C ALA B 38 -18.75 -24.00 48.34
N ALA B 39 -19.53 -25.07 48.27
CA ALA B 39 -20.95 -24.95 48.53
C ALA B 39 -21.14 -24.45 49.96
N GLU B 40 -20.08 -24.53 50.76
CA GLU B 40 -20.14 -24.08 52.15
C GLU B 40 -19.83 -22.61 52.34
N MET B 41 -19.29 -21.97 51.31
CA MET B 41 -18.99 -20.55 51.40
C MET B 41 -20.30 -19.80 51.27
N ASP B 42 -21.18 -20.30 50.42
CA ASP B 42 -22.47 -19.69 50.19
C ASP B 42 -23.44 -20.03 51.34
N ASN B 43 -22.93 -20.67 52.39
CA ASN B 43 -23.76 -21.05 53.53
C ASN B 43 -23.90 -19.97 54.60
N PRO B 44 -25.05 -19.28 54.63
CA PRO B 44 -25.36 -18.22 55.58
C PRO B 44 -24.88 -18.54 56.99
N LEU B 45 -24.99 -19.81 57.34
CA LEU B 45 -24.60 -20.30 58.64
C LEU B 45 -23.09 -20.20 58.91
N MET B 46 -22.29 -20.10 57.85
CA MET B 46 -20.84 -20.03 58.01
C MET B 46 -20.30 -18.61 57.84
N ALA B 47 -20.96 -17.86 56.98
CA ALA B 47 -20.59 -16.48 56.66
C ALA B 47 -19.69 -15.74 57.64
N HIS B 48 -19.93 -15.94 58.93
CA HIS B 48 -19.16 -15.24 59.95
C HIS B 48 -17.75 -15.76 60.18
N LEU B 49 -17.31 -16.67 59.33
CA LEU B 49 -15.98 -17.23 59.49
C LEU B 49 -15.11 -16.78 58.33
N ILE B 50 -15.76 -16.57 57.19
CA ILE B 50 -15.08 -16.13 56.00
C ILE B 50 -14.35 -14.84 56.33
N SER B 51 -13.03 -14.82 56.17
CA SER B 51 -12.24 -13.61 56.43
C SER B 51 -12.63 -12.61 55.36
N THR B 52 -11.91 -11.49 55.29
CA THR B 52 -12.24 -10.47 54.29
C THR B 52 -11.62 -10.67 52.92
N GLY B 53 -10.31 -10.91 52.86
CA GLY B 53 -9.67 -11.11 51.58
C GLY B 53 -10.23 -12.31 50.87
N LEU B 54 -10.92 -13.14 51.65
CA LEU B 54 -11.54 -14.38 51.20
C LEU B 54 -12.96 -14.17 50.66
N GLN B 55 -13.76 -13.40 51.41
CA GLN B 55 -15.14 -13.11 51.07
C GLN B 55 -15.40 -12.73 49.61
N ASN B 56 -16.47 -13.29 49.07
CA ASN B 56 -16.90 -13.03 47.69
C ASN B 56 -15.95 -13.51 46.62
N LYS B 57 -15.16 -14.53 46.93
CA LYS B 57 -14.22 -15.01 45.96
C LYS B 57 -14.22 -16.53 45.78
N LYS B 58 -15.40 -17.12 45.90
CA LYS B 58 -15.53 -18.56 45.74
C LYS B 58 -15.02 -18.91 44.35
N ASN B 59 -15.67 -18.35 43.33
CA ASN B 59 -15.31 -18.59 41.94
C ASN B 59 -13.84 -18.33 41.60
N ILE B 60 -13.14 -17.67 42.50
CA ILE B 60 -11.74 -17.41 42.29
C ILE B 60 -10.96 -18.55 42.92
N LEU B 61 -11.17 -18.77 44.20
CA LEU B 61 -10.49 -19.83 44.93
C LEU B 61 -10.62 -21.16 44.21
N PHE B 62 -11.82 -21.42 43.69
CA PHE B 62 -12.16 -22.66 42.99
C PHE B 62 -12.12 -22.67 41.49
N GLY B 63 -12.15 -21.51 40.84
CA GLY B 63 -12.14 -21.51 39.39
C GLY B 63 -13.29 -22.37 38.90
N ASN B 64 -13.22 -22.93 37.70
CA ASN B 64 -14.33 -23.72 37.21
C ASN B 64 -14.37 -25.17 37.67
N MET B 65 -13.84 -25.46 38.87
CA MET B 65 -13.86 -26.83 39.35
C MET B 65 -15.23 -27.45 39.08
N GLU B 66 -16.26 -26.96 39.75
CA GLU B 66 -17.59 -27.51 39.55
C GLU B 66 -17.86 -27.86 38.08
N GLU B 67 -17.59 -26.93 37.16
CA GLU B 67 -17.84 -27.21 35.75
C GLU B 67 -17.09 -28.47 35.30
N ILE B 68 -15.79 -28.49 35.58
CA ILE B 68 -14.96 -29.62 35.23
C ILE B 68 -15.62 -30.88 35.76
N TYR B 69 -15.85 -30.88 37.07
CA TYR B 69 -16.46 -32.01 37.75
C TYR B 69 -17.71 -32.58 37.10
N HIS B 70 -18.60 -31.73 36.66
CA HIS B 70 -19.79 -32.28 36.04
C HIS B 70 -19.41 -33.03 34.78
N PHE B 71 -18.53 -32.43 33.97
CA PHE B 71 -18.07 -33.07 32.74
C PHE B 71 -17.57 -34.48 33.00
N HIS B 72 -16.73 -34.62 34.01
CA HIS B 72 -16.21 -35.92 34.34
C HIS B 72 -17.30 -36.81 34.91
N ASN B 73 -18.25 -36.23 35.63
CA ASN B 73 -19.32 -37.07 36.20
C ASN B 73 -20.40 -37.40 35.20
N ARG B 74 -20.88 -36.41 34.47
CA ARG B 74 -21.93 -36.64 33.48
C ARG B 74 -21.43 -37.25 32.18
N ILE B 75 -20.20 -36.97 31.78
CA ILE B 75 -19.72 -37.48 30.49
C ILE B 75 -18.49 -38.38 30.40
N PHE B 76 -17.33 -37.85 30.73
CA PHE B 76 -16.07 -38.59 30.57
C PHE B 76 -15.92 -39.96 31.19
N LEU B 77 -16.09 -40.05 32.51
CA LEU B 77 -15.94 -41.34 33.17
C LEU B 77 -16.70 -42.34 32.33
N ARG B 78 -17.94 -41.98 32.00
CA ARG B 78 -18.82 -42.81 31.19
C ARG B 78 -18.14 -43.13 29.86
N GLU B 79 -17.70 -42.11 29.15
CA GLU B 79 -17.05 -42.33 27.87
C GLU B 79 -15.75 -43.11 27.98
N LEU B 80 -15.14 -43.12 29.16
CA LEU B 80 -13.91 -43.87 29.32
C LEU B 80 -14.24 -45.33 29.57
N GLU B 81 -15.19 -45.58 30.47
CA GLU B 81 -15.58 -46.95 30.80
C GLU B 81 -16.03 -47.71 29.55
N SER B 82 -16.29 -47.00 28.46
CA SER B 82 -16.72 -47.64 27.24
C SER B 82 -15.59 -48.36 26.53
N CYS B 83 -14.35 -48.08 26.93
CA CYS B 83 -13.18 -48.71 26.31
C CYS B 83 -12.66 -49.80 27.21
N ILE B 84 -13.46 -50.23 28.17
CA ILE B 84 -13.00 -51.24 29.08
C ILE B 84 -12.35 -52.38 28.33
N ASP B 85 -13.06 -52.95 27.35
CA ASP B 85 -12.52 -54.08 26.61
C ASP B 85 -11.77 -53.73 25.35
N CYS B 86 -11.08 -52.61 25.35
CA CYS B 86 -10.32 -52.19 24.17
C CYS B 86 -9.54 -50.92 24.52
N PRO B 87 -8.65 -51.02 25.51
CA PRO B 87 -7.83 -49.90 25.95
C PRO B 87 -7.03 -49.13 24.91
N GLU B 88 -6.41 -49.81 23.95
CA GLU B 88 -5.63 -49.10 22.92
C GLU B 88 -6.48 -48.01 22.28
N LEU B 89 -7.79 -48.19 22.34
CA LEU B 89 -8.70 -47.23 21.74
C LEU B 89 -9.09 -46.06 22.64
N VAL B 90 -8.67 -46.10 23.90
CA VAL B 90 -9.00 -45.05 24.85
C VAL B 90 -8.56 -43.70 24.31
N GLY B 91 -7.57 -43.71 23.43
CA GLY B 91 -7.08 -42.47 22.86
C GLY B 91 -8.19 -41.69 22.22
N ARG B 92 -9.19 -42.42 21.74
CA ARG B 92 -10.35 -41.84 21.06
C ARG B 92 -11.16 -40.91 21.97
N CYS B 93 -11.55 -41.38 23.15
CA CYS B 93 -12.32 -40.56 24.10
C CYS B 93 -11.78 -39.13 24.22
N PHE B 94 -10.49 -39.03 24.48
CA PHE B 94 -9.87 -37.74 24.63
C PHE B 94 -10.02 -36.86 23.40
N LEU B 95 -9.90 -37.46 22.23
CA LEU B 95 -10.02 -36.74 20.97
C LEU B 95 -11.47 -36.27 20.74
N GLU B 96 -12.42 -37.09 21.18
CA GLU B 96 -13.81 -36.73 21.02
C GLU B 96 -14.26 -35.70 22.06
N ARG B 97 -13.34 -35.18 22.86
CA ARG B 97 -13.67 -34.19 23.88
C ARG B 97 -12.60 -33.12 24.01
N MET B 98 -11.67 -33.05 23.06
CA MET B 98 -10.65 -32.04 23.19
C MET B 98 -11.24 -30.67 23.35
N GLU B 99 -12.42 -30.44 22.78
CA GLU B 99 -13.04 -29.13 22.95
C GLU B 99 -13.53 -29.02 24.38
N GLU B 100 -14.15 -30.07 24.88
CA GLU B 100 -14.64 -30.06 26.25
C GLU B 100 -13.45 -29.79 27.19
N PHE B 101 -12.34 -30.44 26.90
CA PHE B 101 -11.16 -30.28 27.74
C PHE B 101 -10.66 -28.86 27.88
N GLN B 102 -11.08 -27.97 26.98
CA GLN B 102 -10.65 -26.57 27.01
C GLN B 102 -10.89 -26.00 28.39
N ILE B 103 -11.84 -26.61 29.10
CA ILE B 103 -12.21 -26.19 30.44
C ILE B 103 -11.01 -26.22 31.36
N TYR B 104 -10.04 -27.09 31.09
CA TYR B 104 -8.85 -27.18 31.94
C TYR B 104 -7.96 -25.96 31.76
N GLU B 105 -7.95 -25.42 30.53
CA GLU B 105 -7.16 -24.23 30.28
C GLU B 105 -7.69 -23.17 31.24
N LYS B 106 -9.02 -23.01 31.20
CA LYS B 106 -9.76 -22.08 32.02
C LYS B 106 -9.30 -22.23 33.47
N TYR B 107 -9.35 -23.45 33.97
CA TYR B 107 -8.94 -23.73 35.32
C TYR B 107 -7.50 -23.32 35.59
N CYS B 108 -6.62 -23.71 34.68
CA CYS B 108 -5.20 -23.42 34.83
C CYS B 108 -4.82 -21.95 34.76
N GLN B 109 -5.46 -21.22 33.85
CA GLN B 109 -5.15 -19.80 33.73
C GLN B 109 -5.53 -19.09 35.00
N ASN B 110 -6.42 -19.68 35.79
CA ASN B 110 -6.81 -19.02 37.03
C ASN B 110 -6.08 -19.56 38.23
N LYS B 111 -5.41 -20.70 38.07
CA LYS B 111 -4.73 -21.29 39.22
C LYS B 111 -3.80 -20.38 40.03
N PRO B 112 -2.82 -19.72 39.36
CA PRO B 112 -1.91 -18.84 40.12
C PRO B 112 -2.68 -17.85 40.98
N ARG B 113 -3.66 -17.22 40.35
CA ARG B 113 -4.56 -16.26 40.98
C ARG B 113 -5.07 -16.88 42.29
N SER B 114 -5.76 -18.03 42.17
CA SER B 114 -6.30 -18.71 43.34
C SER B 114 -5.21 -19.03 44.33
N GLU B 115 -4.06 -19.46 43.84
CA GLU B 115 -2.99 -19.79 44.77
C GLU B 115 -2.58 -18.53 45.50
N SER B 116 -2.51 -17.41 44.79
CA SER B 116 -2.15 -16.14 45.42
C SER B 116 -3.07 -15.97 46.61
N LEU B 117 -4.36 -16.12 46.36
CA LEU B 117 -5.39 -15.98 47.37
C LEU B 117 -5.23 -16.96 48.53
N TRP B 118 -5.14 -18.26 48.24
CA TRP B 118 -5.00 -19.24 49.30
C TRP B 118 -3.84 -18.85 50.20
N ARG B 119 -2.74 -18.43 49.59
CA ARG B 119 -1.55 -18.04 50.34
C ARG B 119 -1.87 -16.93 51.31
N GLN B 120 -2.73 -16.02 50.86
CA GLN B 120 -3.14 -14.88 51.66
C GLN B 120 -3.98 -15.27 52.86
N CYS B 121 -5.06 -15.99 52.61
CA CYS B 121 -5.98 -16.34 53.69
C CYS B 121 -6.26 -17.80 53.93
N SER B 122 -5.21 -18.60 53.97
CA SER B 122 -5.34 -20.05 54.19
C SER B 122 -5.58 -20.43 55.64
N ASP B 123 -5.00 -19.68 56.56
CA ASP B 123 -5.15 -19.94 57.99
C ASP B 123 -6.51 -19.47 58.53
N CYS B 124 -7.37 -18.98 57.63
CA CYS B 124 -8.70 -18.50 58.02
C CYS B 124 -9.55 -19.60 58.66
N PRO B 125 -10.40 -19.23 59.64
CA PRO B 125 -11.29 -20.13 60.38
C PRO B 125 -12.22 -20.99 59.55
N PHE B 126 -12.85 -20.41 58.53
CA PHE B 126 -13.77 -21.17 57.69
C PHE B 126 -13.14 -22.44 57.16
N PHE B 127 -11.95 -22.32 56.61
CA PHE B 127 -11.25 -23.48 56.07
C PHE B 127 -11.00 -24.44 57.22
N GLN B 128 -10.36 -23.94 58.26
CA GLN B 128 -10.04 -24.76 59.42
C GLN B 128 -11.26 -25.54 59.92
N GLU B 129 -12.44 -24.96 59.80
CA GLU B 129 -13.66 -25.64 60.25
C GLU B 129 -14.10 -26.70 59.25
N CYS B 130 -14.43 -26.28 58.02
CA CYS B 130 -14.85 -27.21 56.96
C CYS B 130 -13.98 -28.47 56.92
N GLN B 131 -12.70 -28.32 57.23
CA GLN B 131 -11.76 -29.43 57.22
C GLN B 131 -12.11 -30.45 58.29
N LYS B 132 -12.14 -30.00 59.54
CA LYS B 132 -12.49 -30.89 60.63
C LYS B 132 -13.84 -31.49 60.27
N LYS B 133 -14.77 -30.64 59.84
CA LYS B 133 -16.12 -31.10 59.46
C LYS B 133 -16.07 -32.23 58.44
N LEU B 134 -14.94 -32.38 57.76
CA LEU B 134 -14.77 -33.42 56.75
C LEU B 134 -13.82 -34.50 57.23
N ASP B 135 -13.15 -34.24 58.34
CA ASP B 135 -12.21 -35.20 58.88
C ASP B 135 -11.17 -35.41 57.77
N HIS B 136 -10.60 -34.30 57.31
CA HIS B 136 -9.61 -34.31 56.25
C HIS B 136 -8.18 -34.13 56.70
N LYS B 137 -7.38 -35.17 56.54
CA LYS B 137 -5.97 -35.11 56.89
C LYS B 137 -5.34 -33.92 56.13
N LEU B 138 -5.90 -33.62 54.96
CA LEU B 138 -5.35 -32.55 54.11
C LEU B 138 -6.17 -31.29 53.92
N SER B 139 -5.46 -30.16 53.82
CA SER B 139 -6.06 -28.83 53.63
C SER B 139 -6.54 -28.69 52.21
N LEU B 140 -7.58 -27.87 52.02
CA LEU B 140 -8.19 -27.69 50.71
C LEU B 140 -7.24 -27.63 49.52
N ASP B 141 -6.18 -26.83 49.63
CA ASP B 141 -5.20 -26.67 48.57
C ASP B 141 -4.82 -27.97 47.82
N SER B 142 -4.67 -29.07 48.54
CA SER B 142 -4.33 -30.32 47.89
C SER B 142 -5.42 -30.75 46.91
N TYR B 143 -6.68 -30.44 47.20
CA TYR B 143 -7.74 -30.78 46.29
C TYR B 143 -7.77 -29.73 45.19
N LEU B 144 -7.46 -28.49 45.52
CA LEU B 144 -7.49 -27.45 44.51
C LEU B 144 -6.45 -27.77 43.45
N LEU B 145 -5.54 -28.67 43.78
CA LEU B 145 -4.49 -29.04 42.85
C LEU B 145 -4.86 -30.15 41.85
N LYS B 146 -5.75 -31.05 42.30
CA LYS B 146 -6.22 -32.21 41.53
C LYS B 146 -6.45 -32.03 40.01
N PRO B 147 -7.28 -31.05 39.61
CA PRO B 147 -7.49 -30.89 38.16
C PRO B 147 -6.18 -30.70 37.42
N VAL B 148 -5.20 -30.10 38.07
CA VAL B 148 -3.90 -29.89 37.44
C VAL B 148 -3.18 -31.20 37.31
N GLN B 149 -3.23 -31.99 38.38
CA GLN B 149 -2.58 -33.27 38.41
C GLN B 149 -3.23 -34.25 37.42
N ARG B 150 -4.54 -34.08 37.22
CA ARG B 150 -5.23 -34.96 36.29
C ARG B 150 -4.70 -34.79 34.89
N ILE B 151 -4.47 -33.55 34.49
CA ILE B 151 -3.96 -33.28 33.17
C ILE B 151 -2.62 -34.00 32.98
N THR B 152 -1.99 -34.36 34.09
CA THR B 152 -0.70 -35.04 34.06
C THR B 152 -0.81 -36.57 34.07
N LYS B 153 -1.64 -37.11 34.94
CA LYS B 153 -1.84 -38.55 34.96
C LYS B 153 -2.32 -38.95 33.56
N TYR B 154 -3.17 -38.13 32.95
CA TYR B 154 -3.67 -38.42 31.61
C TYR B 154 -2.50 -38.52 30.66
N GLN B 155 -1.62 -37.53 30.71
CA GLN B 155 -0.47 -37.57 29.84
C GLN B 155 0.34 -38.82 30.10
N LEU B 156 0.63 -39.08 31.38
CA LEU B 156 1.43 -40.24 31.74
C LEU B 156 0.82 -41.62 31.45
N LEU B 157 -0.48 -41.79 31.67
CA LEU B 157 -1.12 -43.08 31.41
C LEU B 157 -1.33 -43.25 29.92
N LEU B 158 -1.49 -42.15 29.19
CA LEU B 158 -1.68 -42.25 27.75
C LEU B 158 -0.35 -42.58 27.12
N LYS B 159 0.74 -42.13 27.74
CA LYS B 159 2.07 -42.38 27.23
C LYS B 159 2.43 -43.83 27.48
N GLU B 160 2.16 -44.32 28.69
CA GLU B 160 2.45 -45.72 29.01
C GLU B 160 1.60 -46.63 28.14
N MET B 161 0.36 -46.20 27.84
CA MET B 161 -0.60 -46.97 27.02
C MET B 161 -0.16 -47.09 25.58
N LEU B 162 0.38 -46.00 25.05
CA LEU B 162 0.83 -45.96 23.67
C LEU B 162 2.01 -46.90 23.60
N LYS B 163 2.79 -46.93 24.67
CA LYS B 163 3.94 -47.80 24.72
C LYS B 163 3.61 -49.29 24.66
N TYR B 164 2.40 -49.66 25.07
CA TYR B 164 2.04 -51.06 25.01
C TYR B 164 1.23 -51.34 23.77
N SER B 165 0.71 -50.30 23.15
CA SER B 165 -0.08 -50.48 21.94
C SER B 165 0.71 -49.92 20.79
N LYS B 166 2.03 -50.13 20.84
CA LYS B 166 2.91 -49.59 19.81
C LYS B 166 2.62 -50.00 18.38
N HIS B 167 1.81 -51.03 18.20
CA HIS B 167 1.50 -51.45 16.84
C HIS B 167 0.09 -51.89 16.58
N CYS B 168 -0.88 -51.36 17.33
CA CYS B 168 -2.28 -51.74 17.13
C CYS B 168 -3.22 -50.55 16.84
N GLU B 169 -4.31 -50.81 16.14
CA GLU B 169 -5.27 -49.77 15.81
C GLU B 169 -5.58 -48.96 17.05
N GLY B 170 -5.38 -47.64 16.95
CA GLY B 170 -5.62 -46.76 18.06
C GLY B 170 -4.31 -46.12 18.46
N ALA B 171 -3.24 -46.68 17.94
CA ALA B 171 -1.91 -46.19 18.19
C ALA B 171 -1.89 -44.70 17.86
N GLU B 172 -2.22 -44.36 16.61
CA GLU B 172 -2.23 -42.97 16.18
C GLU B 172 -2.96 -42.05 17.17
N ASP B 173 -4.22 -42.38 17.46
CA ASP B 173 -5.03 -41.64 18.41
C ASP B 173 -4.30 -41.42 19.73
N LEU B 174 -3.72 -42.48 20.28
CA LEU B 174 -3.01 -42.33 21.52
C LEU B 174 -2.03 -41.17 21.39
N GLN B 175 -1.26 -41.17 20.31
CA GLN B 175 -0.29 -40.10 20.07
C GLN B 175 -1.04 -38.77 19.94
N GLU B 176 -2.07 -38.75 19.09
CA GLU B 176 -2.91 -37.56 18.89
C GLU B 176 -3.37 -36.98 20.24
N ALA B 177 -4.02 -37.81 21.04
CA ALA B 177 -4.49 -37.40 22.36
C ALA B 177 -3.30 -36.86 23.15
N LEU B 178 -2.20 -37.58 23.13
CA LEU B 178 -1.08 -37.10 23.90
C LEU B 178 -0.70 -35.68 23.50
N SER B 179 -0.70 -35.40 22.20
CA SER B 179 -0.33 -34.07 21.74
C SER B 179 -1.35 -33.03 22.20
N SER B 180 -2.63 -33.33 22.01
CA SER B 180 -3.71 -32.41 22.41
C SER B 180 -3.60 -32.00 23.86
N ILE B 181 -3.41 -32.99 24.73
CA ILE B 181 -3.28 -32.74 26.14
C ILE B 181 -2.09 -31.82 26.39
N LEU B 182 -0.94 -32.15 25.81
CA LEU B 182 0.21 -31.28 25.99
C LEU B 182 -0.18 -29.90 25.43
N GLY B 183 -0.94 -29.91 24.33
CA GLY B 183 -1.39 -28.66 23.75
C GLY B 183 -2.12 -27.77 24.74
N ILE B 184 -2.83 -28.39 25.68
CA ILE B 184 -3.58 -27.68 26.74
C ILE B 184 -2.62 -26.81 27.52
N LEU B 185 -1.58 -27.43 28.07
CA LEU B 185 -0.57 -26.72 28.86
C LEU B 185 0.10 -25.64 28.03
N LYS B 186 0.24 -25.90 26.74
CA LYS B 186 0.85 -24.94 25.84
C LYS B 186 -0.07 -23.73 25.84
N ALA B 187 -1.31 -23.94 25.40
CA ALA B 187 -2.30 -22.87 25.36
C ALA B 187 -2.29 -22.04 26.66
N VAL B 188 -2.27 -22.74 27.79
CA VAL B 188 -2.24 -22.07 29.06
C VAL B 188 -0.92 -21.34 29.17
N ASN B 189 0.21 -22.05 29.07
CA ASN B 189 1.48 -21.37 29.18
C ASN B 189 1.66 -20.21 28.19
N ASP B 190 1.06 -20.29 26.99
CA ASP B 190 1.21 -19.19 26.03
C ASP B 190 0.52 -17.95 26.61
N SER B 191 -0.77 -18.08 26.91
CA SER B 191 -1.57 -17.00 27.49
C SER B 191 -0.80 -16.28 28.60
N MET B 192 -0.36 -17.02 29.61
CA MET B 192 0.42 -16.49 30.72
C MET B 192 1.42 -15.43 30.26
N HIS B 193 1.94 -15.60 29.04
CA HIS B 193 2.91 -14.67 28.45
C HIS B 193 2.25 -13.48 27.81
N LEU B 194 1.28 -13.75 26.95
CA LEU B 194 0.57 -12.69 26.29
C LEU B 194 0.16 -11.59 27.28
N ILE B 195 -0.34 -11.98 28.44
CA ILE B 195 -0.75 -11.00 29.43
C ILE B 195 0.42 -10.13 29.93
N ALA B 196 1.64 -10.65 29.93
CA ALA B 196 2.77 -9.87 30.40
C ALA B 196 3.15 -8.79 29.38
N ILE B 197 2.38 -8.71 28.29
CA ILE B 197 2.67 -7.70 27.29
C ILE B 197 2.13 -6.36 27.73
N THR B 198 2.96 -5.33 27.60
CA THR B 198 2.62 -3.96 27.98
C THR B 198 2.89 -3.05 26.80
N GLY B 199 2.26 -1.88 26.80
CA GLY B 199 2.45 -0.92 25.73
C GLY B 199 1.72 -1.19 24.44
N TYR B 200 0.63 -1.95 24.47
CA TYR B 200 -0.07 -2.23 23.23
C TYR B 200 -1.32 -1.38 22.98
N ASP B 201 -1.21 -0.42 22.06
CA ASP B 201 -2.34 0.43 21.72
C ASP B 201 -3.39 -0.41 21.00
N GLY B 202 -4.35 -0.92 21.75
CA GLY B 202 -5.40 -1.71 21.15
C GLY B 202 -5.68 -3.00 21.90
N ASN B 203 -6.68 -3.73 21.44
CA ASN B 203 -7.05 -4.99 22.05
C ASN B 203 -6.45 -6.13 21.25
N LEU B 204 -5.30 -6.58 21.69
CA LEU B 204 -4.59 -7.68 21.04
C LEU B 204 -5.55 -8.80 20.70
N GLY B 205 -6.69 -8.85 21.40
CA GLY B 205 -7.67 -9.87 21.13
C GLY B 205 -8.09 -9.82 19.67
N ASP B 206 -7.87 -8.67 19.03
CA ASP B 206 -8.23 -8.47 17.63
C ASP B 206 -7.40 -9.33 16.68
N LEU B 207 -6.20 -9.70 17.13
CA LEU B 207 -5.30 -10.53 16.33
C LEU B 207 -5.79 -11.97 16.43
N GLY B 208 -5.83 -12.66 15.30
CA GLY B 208 -6.29 -14.04 15.26
C GLY B 208 -6.28 -14.72 16.62
N LYS B 209 -5.21 -15.46 16.89
CA LYS B 209 -5.08 -16.13 18.16
C LYS B 209 -3.61 -16.48 18.33
N LEU B 210 -3.18 -16.59 19.58
CA LEU B 210 -1.80 -16.89 19.89
C LEU B 210 -1.44 -18.32 19.53
N LEU B 211 -0.78 -18.51 18.40
CA LEU B 211 -0.37 -19.84 17.99
C LEU B 211 0.94 -20.23 18.69
N MET B 212 1.89 -19.29 18.76
CA MET B 212 3.18 -19.52 19.38
C MET B 212 3.85 -18.27 19.92
N GLN B 213 4.79 -18.45 20.82
CA GLN B 213 5.52 -17.31 21.38
C GLN B 213 6.83 -17.80 21.96
N GLY B 214 7.86 -16.97 21.92
CA GLY B 214 9.14 -17.39 22.45
C GLY B 214 10.19 -16.32 22.26
N SER B 215 11.37 -16.51 22.85
CA SER B 215 12.45 -15.56 22.72
C SER B 215 13.36 -15.95 21.56
N PHE B 216 13.88 -14.96 20.85
CA PHE B 216 14.79 -15.18 19.74
C PHE B 216 15.82 -14.04 19.58
N SER B 217 16.86 -14.30 18.81
CA SER B 217 17.87 -13.29 18.54
C SER B 217 17.46 -12.75 17.19
N VAL B 218 17.48 -11.43 17.04
CA VAL B 218 17.05 -10.85 15.77
C VAL B 218 18.03 -9.92 15.11
N TRP B 219 18.24 -10.12 13.81
CA TRP B 219 19.12 -9.28 13.02
C TRP B 219 18.24 -8.67 11.95
N THR B 220 18.65 -7.56 11.37
CA THR B 220 17.81 -6.93 10.37
C THR B 220 18.45 -6.51 9.09
N ASP B 221 18.24 -7.30 8.04
CA ASP B 221 18.75 -6.92 6.74
C ASP B 221 17.60 -6.21 6.05
N HIS B 222 17.22 -5.05 6.57
CA HIS B 222 16.12 -4.28 6.01
C HIS B 222 16.45 -3.59 4.69
N LYS B 223 15.42 -2.98 4.09
CA LYS B 223 15.54 -2.28 2.82
C LYS B 223 15.69 -0.79 3.10
N LYS B 224 16.66 -0.12 2.48
CA LYS B 224 16.86 1.30 2.74
C LYS B 224 15.81 2.22 2.09
N GLU B 231 16.69 0.48 15.56
CA GLU B 231 15.83 -0.49 14.84
C GLU B 231 16.67 -1.25 13.83
N LEU B 232 17.96 -1.37 14.14
CA LEU B 232 18.92 -2.07 13.30
C LEU B 232 19.68 -3.15 14.06
N ALA B 233 20.38 -4.00 13.33
CA ALA B 233 21.12 -5.06 13.97
C ALA B 233 21.90 -5.86 12.97
N ARG B 234 23.05 -5.33 12.53
CA ARG B 234 23.88 -6.05 11.56
C ARG B 234 24.81 -7.04 12.23
N PHE B 235 25.27 -6.71 13.44
CA PHE B 235 26.20 -7.59 14.13
C PHE B 235 25.64 -8.20 15.40
N LYS B 236 25.47 -7.36 16.42
CA LYS B 236 24.92 -7.80 17.68
C LYS B 236 23.41 -7.85 17.55
N PRO B 237 22.82 -9.04 17.67
CA PRO B 237 21.38 -9.26 17.56
C PRO B 237 20.55 -8.67 18.70
N MET B 238 19.31 -8.34 18.38
CA MET B 238 18.40 -7.81 19.38
C MET B 238 17.67 -9.02 19.93
N GLN B 239 17.38 -8.98 21.22
CA GLN B 239 16.67 -10.07 21.86
C GLN B 239 15.24 -9.61 21.94
N ARG B 240 14.38 -10.31 21.22
CA ARG B 240 12.99 -9.95 21.19
C ARG B 240 12.15 -11.16 21.51
N HIS B 241 10.95 -10.93 22.04
CA HIS B 241 10.05 -12.02 22.32
C HIS B 241 8.95 -11.92 21.29
N LEU B 242 8.87 -12.89 20.38
CA LEU B 242 7.85 -12.85 19.35
C LEU B 242 6.55 -13.53 19.77
N PHE B 243 5.43 -13.02 19.23
CA PHE B 243 4.09 -13.54 19.49
C PHE B 243 3.44 -13.73 18.14
N LEU B 244 3.28 -14.97 17.76
CA LEU B 244 2.72 -15.28 16.46
C LEU B 244 1.23 -15.53 16.56
N HIS B 245 0.44 -14.60 16.04
CA HIS B 245 -1.01 -14.74 16.00
C HIS B 245 -1.34 -15.01 14.54
N GLU B 246 -2.62 -15.25 14.26
CA GLU B 246 -3.01 -15.52 12.89
C GLU B 246 -3.08 -14.19 12.17
N LYS B 247 -3.34 -13.12 12.92
CA LYS B 247 -3.45 -11.80 12.33
C LYS B 247 -2.12 -11.05 12.20
N ALA B 248 -1.17 -11.33 13.09
CA ALA B 248 0.11 -10.65 13.04
C ALA B 248 1.24 -11.40 13.76
N VAL B 249 2.35 -10.70 13.94
CA VAL B 249 3.52 -11.19 14.61
C VAL B 249 3.96 -9.99 15.43
N LEU B 250 3.83 -10.07 16.75
CA LEU B 250 4.22 -8.96 17.60
C LEU B 250 5.66 -9.14 18.04
N PHE B 251 6.35 -8.03 18.23
CA PHE B 251 7.73 -8.03 18.68
C PHE B 251 7.79 -7.32 20.02
N CYS B 252 8.36 -7.96 21.02
CA CYS B 252 8.45 -7.30 22.30
C CYS B 252 9.87 -7.40 22.85
N LYS B 253 10.24 -6.48 23.74
CA LYS B 253 11.56 -6.51 24.34
C LYS B 253 11.29 -6.72 25.81
N LYS B 254 11.61 -7.91 26.31
CA LYS B 254 11.39 -8.21 27.71
C LYS B 254 12.15 -7.25 28.63
N ARG B 255 11.57 -6.98 29.79
CA ARG B 255 12.19 -6.11 30.78
C ARG B 255 12.60 -7.05 31.91
N GLU B 256 13.91 -7.25 32.09
CA GLU B 256 14.39 -8.14 33.12
C GLU B 256 13.66 -7.95 34.45
N GLU B 257 13.97 -6.87 35.15
CA GLU B 257 13.34 -6.58 36.43
C GLU B 257 11.84 -6.42 36.25
N LYS B 264 9.00 -7.83 40.96
CA LYS B 264 8.08 -8.07 39.81
C LYS B 264 8.30 -9.46 39.23
N ALA B 265 7.66 -9.74 38.10
CA ALA B 265 7.77 -11.03 37.40
C ALA B 265 7.81 -10.77 35.88
N PRO B 266 8.96 -11.06 35.24
CA PRO B 266 9.15 -10.86 33.80
C PRO B 266 7.97 -10.34 32.98
N SER B 267 8.21 -9.20 32.33
CA SER B 267 7.22 -8.56 31.49
C SER B 267 7.86 -8.10 30.19
N TYR B 268 7.07 -8.17 29.12
CA TYR B 268 7.57 -7.77 27.81
C TYR B 268 6.82 -6.53 27.42
N SER B 269 7.58 -5.48 27.12
CA SER B 269 7.04 -4.20 26.67
C SER B 269 7.01 -4.23 25.15
N TYR B 270 5.81 -4.13 24.62
CA TYR B 270 5.56 -4.15 23.19
C TYR B 270 6.52 -3.30 22.40
N LYS B 271 6.94 -3.77 21.23
CA LYS B 271 7.85 -3.01 20.40
C LYS B 271 7.20 -2.70 19.07
N GLN B 272 6.80 -3.72 18.33
CA GLN B 272 6.12 -3.50 17.06
C GLN B 272 5.42 -4.73 16.52
N SER B 273 4.47 -4.52 15.61
CA SER B 273 3.70 -5.63 15.07
C SER B 273 4.04 -5.88 13.63
N LEU B 274 3.58 -7.02 13.13
CA LEU B 274 3.81 -7.37 11.75
C LEU B 274 2.52 -7.99 11.26
N ASN B 275 1.73 -7.18 10.55
CA ASN B 275 0.47 -7.61 9.97
C ASN B 275 0.68 -8.91 9.20
N MET B 276 0.04 -9.99 9.65
CA MET B 276 0.22 -11.28 9.00
C MET B 276 -0.17 -11.34 7.53
N THR B 277 -0.39 -10.19 6.91
CA THR B 277 -0.78 -10.18 5.49
C THR B 277 0.44 -10.15 4.62
N ALA B 278 1.08 -8.98 4.61
CA ALA B 278 2.28 -8.75 3.84
C ALA B 278 3.50 -9.48 4.41
N VAL B 279 3.27 -10.60 5.09
CA VAL B 279 4.37 -11.38 5.66
C VAL B 279 4.85 -12.43 4.70
N GLY B 280 6.17 -12.53 4.61
CA GLY B 280 6.78 -13.49 3.75
C GLY B 280 7.69 -14.30 4.64
N ILE B 281 8.19 -15.41 4.12
CA ILE B 281 9.05 -16.25 4.91
C ILE B 281 10.15 -16.92 4.13
N THR B 282 11.24 -17.21 4.84
CA THR B 282 12.36 -17.89 4.25
C THR B 282 12.66 -19.05 5.19
N GLU B 283 12.10 -20.21 4.86
CA GLU B 283 12.25 -21.41 5.67
C GLU B 283 13.69 -21.81 6.02
N ASN B 284 14.66 -21.30 5.28
CA ASN B 284 16.04 -21.68 5.58
C ASN B 284 17.14 -20.73 5.11
N VAL B 285 17.94 -20.26 6.08
CA VAL B 285 19.03 -19.35 5.74
C VAL B 285 20.31 -20.15 5.76
N LYS B 286 21.09 -19.94 4.71
CA LYS B 286 22.35 -20.64 4.53
C LYS B 286 23.39 -20.17 5.53
N GLY B 287 23.79 -21.08 6.41
CA GLY B 287 24.79 -20.75 7.40
C GLY B 287 24.38 -21.30 8.76
N ASP B 288 23.09 -21.54 8.93
CA ASP B 288 22.58 -22.06 10.20
C ASP B 288 21.23 -22.79 10.12
N THR B 289 21.16 -23.93 10.79
CA THR B 289 19.95 -24.73 10.82
C THR B 289 18.91 -24.17 11.78
N LYS B 290 19.22 -23.03 12.39
CA LYS B 290 18.29 -22.47 13.36
C LYS B 290 17.73 -21.10 13.00
N LYS B 291 18.19 -20.54 11.89
CA LYS B 291 17.72 -19.24 11.43
C LYS B 291 16.67 -19.40 10.33
N PHE B 292 15.67 -18.54 10.37
CA PHE B 292 14.61 -18.51 9.38
C PHE B 292 14.32 -17.03 9.37
N GLU B 293 13.62 -16.53 8.36
CA GLU B 293 13.38 -15.11 8.37
C GLU B 293 12.00 -14.68 7.95
N ILE B 294 11.51 -13.65 8.64
CA ILE B 294 10.21 -13.07 8.40
C ILE B 294 10.44 -11.74 7.66
N TRP B 295 9.76 -11.51 6.53
CA TRP B 295 9.94 -10.25 5.78
C TRP B 295 8.68 -9.67 5.14
N TYR B 296 8.70 -8.35 4.91
CA TYR B 296 7.56 -7.65 4.28
C TYR B 296 7.75 -7.01 2.93
N ASN B 297 6.62 -6.76 2.29
CA ASN B 297 6.62 -6.16 0.97
C ASN B 297 7.78 -6.71 0.12
N ALA B 298 8.44 -5.85 -0.62
CA ALA B 298 9.55 -6.33 -1.44
C ALA B 298 10.68 -6.63 -0.47
N ARG B 299 10.33 -7.11 0.72
CA ARG B 299 11.29 -7.38 1.79
C ARG B 299 11.79 -6.05 2.31
N GLU B 300 10.94 -5.02 2.28
CA GLU B 300 11.40 -3.72 2.76
C GLU B 300 11.98 -3.90 4.15
N GLU B 301 11.44 -4.89 4.87
CA GLU B 301 11.91 -5.23 6.20
C GLU B 301 12.20 -6.70 6.29
N VAL B 302 13.47 -7.01 6.55
CA VAL B 302 13.88 -8.40 6.71
C VAL B 302 14.29 -8.59 8.15
N TYR B 303 13.86 -9.69 8.72
CA TYR B 303 14.20 -10.02 10.09
C TYR B 303 14.79 -11.39 10.08
N ILE B 304 15.98 -11.52 10.66
CA ILE B 304 16.63 -12.82 10.73
C ILE B 304 16.47 -13.29 12.17
N ILE B 305 15.73 -14.37 12.31
CA ILE B 305 15.46 -14.91 13.61
C ILE B 305 16.25 -16.18 13.80
N GLN B 306 16.94 -16.28 14.95
CA GLN B 306 17.71 -17.48 15.27
C GLN B 306 16.99 -18.20 16.40
N ALA B 307 16.52 -19.42 16.14
CA ALA B 307 15.81 -20.16 17.17
C ALA B 307 16.80 -20.79 18.10
N PRO B 308 16.38 -21.16 19.30
CA PRO B 308 17.34 -21.79 20.20
C PRO B 308 17.76 -23.20 19.76
N THR B 309 17.01 -23.80 18.85
CA THR B 309 17.33 -25.14 18.33
C THR B 309 16.63 -25.33 16.99
N PRO B 310 17.22 -26.13 16.08
CA PRO B 310 16.64 -26.40 14.77
C PRO B 310 15.19 -26.84 14.90
N GLU B 311 14.92 -27.58 15.98
CA GLU B 311 13.57 -28.07 16.27
C GLU B 311 12.59 -26.89 16.37
N ILE B 312 12.92 -25.93 17.22
CA ILE B 312 12.06 -24.76 17.38
C ILE B 312 11.92 -24.03 16.06
N LYS B 313 13.04 -23.87 15.35
CA LYS B 313 13.01 -23.17 14.08
C LYS B 313 12.03 -23.85 13.15
N ALA B 314 12.15 -25.17 13.05
CA ALA B 314 11.26 -25.94 12.19
C ALA B 314 9.81 -25.60 12.54
N ALA B 315 9.43 -25.89 13.78
CA ALA B 315 8.07 -25.63 14.22
C ALA B 315 7.58 -24.23 13.85
N TRP B 316 8.31 -23.20 14.25
CA TRP B 316 7.89 -21.84 13.91
C TRP B 316 7.71 -21.65 12.43
N VAL B 317 8.71 -22.04 11.64
CA VAL B 317 8.58 -21.87 10.22
C VAL B 317 7.31 -22.57 9.77
N ASN B 318 7.12 -23.78 10.27
CA ASN B 318 5.95 -24.56 9.93
C ASN B 318 4.63 -23.89 10.34
N GLU B 319 4.52 -23.51 11.61
CA GLU B 319 3.31 -22.87 12.11
C GLU B 319 3.02 -21.60 11.32
N ILE B 320 4.07 -20.98 10.80
CA ILE B 320 3.93 -19.74 10.02
C ILE B 320 3.39 -20.06 8.64
N ARG B 321 3.85 -21.16 8.03
CA ARG B 321 3.36 -21.54 6.72
C ARG B 321 1.85 -21.67 6.82
N LYS B 322 1.40 -22.43 7.82
CA LYS B 322 -0.01 -22.65 8.08
C LYS B 322 -0.78 -21.31 8.13
N VAL B 323 -0.31 -20.38 8.95
CA VAL B 323 -1.00 -19.10 9.03
C VAL B 323 -1.07 -18.43 7.67
N LEU B 324 0.01 -18.53 6.91
CA LEU B 324 0.09 -17.94 5.57
C LEU B 324 -0.84 -18.55 4.55
N THR B 325 -0.76 -19.88 4.38
CA THR B 325 -1.62 -20.59 3.43
C THR B 325 -3.09 -20.36 3.79
N SER B 326 -3.37 -20.34 5.10
CA SER B 326 -4.71 -20.09 5.60
C SER B 326 -5.21 -18.75 5.05
N GLN B 327 -4.31 -17.96 4.46
CA GLN B 327 -4.65 -16.65 3.91
C GLN B 327 -5.19 -16.68 2.48
N LEU B 328 -5.07 -17.84 1.82
CA LEU B 328 -5.56 -17.94 0.45
C LEU B 328 -6.74 -18.90 0.35
N GLN B 329 -6.67 -19.99 1.09
CA GLN B 329 -7.75 -20.97 1.11
C GLN B 329 -8.98 -20.26 1.70
N ALA B 330 -8.84 -18.94 1.87
CA ALA B 330 -9.89 -18.08 2.42
C ALA B 330 -10.21 -16.91 1.50
N CYS B 331 -9.38 -15.86 1.57
CA CYS B 331 -9.56 -14.65 0.77
C CYS B 331 -9.74 -14.90 -0.73
N ARG B 332 -9.43 -16.11 -1.19
CA ARG B 332 -9.60 -16.42 -2.60
C ARG B 332 -11.07 -16.71 -2.81
N GLU B 333 -11.81 -16.60 -1.71
CA GLU B 333 -13.24 -16.83 -1.69
C GLU B 333 -13.89 -15.74 -0.83
N ALA B 334 -13.06 -15.06 -0.04
CA ALA B 334 -13.54 -13.99 0.85
C ALA B 334 -13.69 -12.68 0.08
N SER B 335 -13.14 -12.67 -1.13
CA SER B 335 -13.21 -11.50 -2.00
C SER B 335 -14.09 -11.87 -3.19
N GLN B 336 -14.45 -13.16 -3.27
CA GLN B 336 -15.33 -13.65 -4.33
C GLN B 336 -16.72 -13.12 -4.02
N HIS B 337 -16.85 -12.53 -2.83
CA HIS B 337 -18.11 -11.93 -2.38
C HIS B 337 -18.20 -10.52 -2.94
N ARG B 338 -17.65 -10.36 -4.14
CA ARG B 338 -17.66 -9.09 -4.87
C ARG B 338 -18.03 -9.50 -6.28
N ALA B 339 -18.15 -10.81 -6.48
CA ALA B 339 -18.51 -11.40 -7.77
C ALA B 339 -19.98 -11.80 -7.72
N LEU B 340 -20.42 -12.24 -6.54
CA LEU B 340 -21.80 -12.67 -6.33
C LEU B 340 -22.43 -11.75 -5.26
N GLU B 341 -21.75 -10.66 -4.94
CA GLU B 341 -22.25 -9.70 -3.95
C GLU B 341 -22.22 -8.27 -4.49
N GLN B 342 -21.25 -7.97 -5.34
CA GLN B 342 -21.16 -6.63 -5.95
C GLN B 342 -22.03 -6.63 -7.21
N SER B 343 -22.34 -7.82 -7.69
CA SER B 343 -23.17 -8.01 -8.87
C SER B 343 -24.58 -7.53 -8.53
N HIS B 344 -24.91 -7.63 -7.24
CA HIS B 344 -26.20 -7.19 -6.72
C HIS B 344 -26.33 -5.68 -6.87
N SER B 345 -25.32 -4.95 -6.39
CA SER B 345 -25.32 -3.50 -6.46
C SER B 345 -25.29 -3.01 -7.91
N GLU C 3 11.31 -25.07 -8.46
CA GLU C 3 10.39 -24.18 -7.69
C GLU C 3 10.94 -22.77 -7.53
N GLU C 4 10.20 -21.80 -8.07
CA GLU C 4 10.61 -20.41 -7.98
C GLU C 4 9.37 -19.51 -8.08
N GLU C 5 8.29 -20.05 -8.62
CA GLU C 5 7.06 -19.30 -8.79
C GLU C 5 6.42 -18.94 -7.45
N GLU C 6 6.13 -19.95 -6.64
CA GLU C 6 5.51 -19.76 -5.33
C GLU C 6 6.01 -18.46 -4.69
N SER C 7 7.33 -18.26 -4.81
CA SER C 7 7.99 -17.09 -4.26
C SER C 7 7.50 -15.84 -4.96
N LEU C 8 7.80 -15.71 -6.24
CA LEU C 8 7.38 -14.54 -6.99
C LEU C 8 5.94 -14.19 -6.69
N ALA C 9 5.04 -15.12 -6.98
CA ALA C 9 3.63 -14.92 -6.71
C ALA C 9 3.38 -14.25 -5.36
N ILE C 10 4.08 -14.70 -4.32
CA ILE C 10 3.89 -14.11 -3.00
C ILE C 10 4.37 -12.65 -2.97
N LEU C 11 5.39 -12.33 -3.76
CA LEU C 11 5.90 -10.96 -3.81
C LEU C 11 4.92 -10.06 -4.57
N ARG C 12 4.33 -10.61 -5.63
CA ARG C 12 3.36 -9.87 -6.44
C ARG C 12 2.18 -9.49 -5.56
N ARG C 13 1.76 -10.43 -4.74
CA ARG C 13 0.66 -10.22 -3.83
C ARG C 13 1.06 -9.11 -2.87
N HIS C 14 2.33 -9.07 -2.48
CA HIS C 14 2.79 -8.04 -1.55
C HIS C 14 2.62 -6.65 -2.14
N VAL C 15 2.98 -6.48 -3.41
CA VAL C 15 2.81 -5.19 -4.07
C VAL C 15 1.34 -4.83 -4.18
N MET C 16 0.52 -5.80 -4.60
CA MET C 16 -0.91 -5.59 -4.73
C MET C 16 -1.46 -5.04 -3.41
N ASN C 17 -0.93 -5.52 -2.29
CA ASN C 17 -1.40 -5.04 -0.99
C ASN C 17 -1.10 -3.57 -0.82
N GLU C 18 0.10 -3.16 -1.19
CA GLU C 18 0.47 -1.76 -1.05
C GLU C 18 -0.38 -0.88 -1.95
N LEU C 19 -0.49 -1.27 -3.22
CA LEU C 19 -1.29 -0.52 -4.17
C LEU C 19 -2.70 -0.30 -3.61
N LEU C 20 -3.27 -1.37 -3.09
CA LEU C 20 -4.61 -1.31 -2.52
C LEU C 20 -4.63 -0.57 -1.17
N ASP C 21 -3.63 -0.79 -0.32
CA ASP C 21 -3.59 -0.12 0.96
C ASP C 21 -3.47 1.39 0.80
N THR C 22 -2.50 1.81 -0.01
CA THR C 22 -2.29 3.22 -0.28
C THR C 22 -3.48 3.82 -1.03
N GLU C 23 -4.05 3.05 -1.96
CA GLU C 23 -5.21 3.49 -2.72
C GLU C 23 -6.30 3.90 -1.74
N ARG C 24 -6.71 2.98 -0.87
CA ARG C 24 -7.75 3.26 0.12
C ARG C 24 -7.42 4.52 0.90
N ALA C 25 -6.17 4.64 1.32
CA ALA C 25 -5.73 5.80 2.09
C ALA C 25 -5.87 7.07 1.25
N TYR C 26 -5.45 6.99 -0.01
CA TYR C 26 -5.53 8.11 -0.94
C TYR C 26 -6.95 8.64 -0.94
N VAL C 27 -7.91 7.74 -1.17
CA VAL C 27 -9.32 8.09 -1.20
C VAL C 27 -9.71 8.74 0.13
N GLU C 28 -9.42 8.07 1.23
CA GLU C 28 -9.74 8.59 2.54
C GLU C 28 -9.17 10.00 2.70
N GLU C 29 -7.89 10.17 2.34
CA GLU C 29 -7.22 11.47 2.44
C GLU C 29 -7.91 12.58 1.67
N LEU C 30 -8.13 12.36 0.38
CA LEU C 30 -8.80 13.38 -0.41
C LEU C 30 -10.13 13.71 0.24
N LEU C 31 -10.86 12.67 0.63
CA LEU C 31 -12.16 12.86 1.24
C LEU C 31 -12.19 13.75 2.47
N CYS C 32 -11.31 13.50 3.42
CA CYS C 32 -11.35 14.32 4.62
C CYS C 32 -11.06 15.77 4.30
N VAL C 33 -10.32 16.02 3.23
CA VAL C 33 -10.03 17.39 2.83
C VAL C 33 -11.25 18.06 2.18
N LEU C 34 -11.94 17.32 1.33
CA LEU C 34 -13.14 17.82 0.67
C LEU C 34 -14.24 18.05 1.70
N GLU C 35 -14.27 17.23 2.74
CA GLU C 35 -15.27 17.36 3.80
C GLU C 35 -14.75 18.32 4.85
N GLY C 36 -13.48 18.13 5.18
CA GLY C 36 -12.81 18.92 6.21
C GLY C 36 -12.48 20.34 5.89
N TYR C 37 -12.28 20.64 4.61
CA TYR C 37 -11.95 21.99 4.17
C TYR C 37 -12.90 22.56 3.13
N ALA C 38 -12.94 21.95 1.95
CA ALA C 38 -13.80 22.44 0.87
C ALA C 38 -15.26 22.67 1.28
N ALA C 39 -15.94 21.62 1.71
CA ALA C 39 -17.33 21.73 2.13
C ALA C 39 -17.51 22.86 3.15
N GLU C 40 -16.53 23.02 4.04
CA GLU C 40 -16.57 24.06 5.08
C GLU C 40 -16.56 25.48 4.54
N MET C 41 -15.97 25.67 3.36
CA MET C 41 -15.92 27.00 2.77
C MET C 41 -17.34 27.48 2.44
N ASP C 42 -18.27 26.53 2.33
CA ASP C 42 -19.66 26.85 2.02
C ASP C 42 -20.59 26.74 3.23
N ASN C 43 -20.02 26.52 4.41
CA ASN C 43 -20.79 26.38 5.63
C ASN C 43 -21.03 27.71 6.33
N PRO C 44 -22.30 28.14 6.39
CA PRO C 44 -22.70 29.40 7.03
C PRO C 44 -21.97 29.64 8.34
N LEU C 45 -22.02 28.64 9.20
CA LEU C 45 -21.37 28.72 10.50
C LEU C 45 -19.90 29.13 10.42
N MET C 46 -19.24 28.77 9.32
CA MET C 46 -17.83 29.09 9.12
C MET C 46 -17.61 30.42 8.41
N ALA C 47 -18.63 30.90 7.71
CA ALA C 47 -18.56 32.14 6.96
C ALA C 47 -17.93 33.30 7.72
N HIS C 48 -18.16 33.34 9.02
CA HIS C 48 -17.63 34.41 9.85
C HIS C 48 -16.10 34.32 9.92
N LEU C 49 -15.53 33.45 9.08
CA LEU C 49 -14.09 33.28 9.04
C LEU C 49 -13.57 33.24 7.61
N ILE C 50 -14.47 32.99 6.67
CA ILE C 50 -14.09 32.91 5.27
C ILE C 50 -14.17 34.28 4.58
N SER C 51 -13.00 34.79 4.20
CA SER C 51 -12.88 36.07 3.51
C SER C 51 -13.57 35.93 2.15
N THR C 52 -14.75 36.52 2.01
CA THR C 52 -15.53 36.43 0.76
C THR C 52 -14.68 36.26 -0.50
N GLY C 53 -13.51 36.88 -0.52
CA GLY C 53 -12.64 36.74 -1.68
C GLY C 53 -12.29 35.28 -1.87
N LEU C 54 -11.98 34.62 -0.76
CA LEU C 54 -11.62 33.20 -0.74
C LEU C 54 -12.55 32.30 -1.53
N GLN C 55 -13.85 32.39 -1.29
CA GLN C 55 -14.80 31.54 -2.00
C GLN C 55 -14.62 31.58 -3.52
N ASN C 56 -14.48 32.77 -4.08
CA ASN C 56 -14.28 32.89 -5.52
C ASN C 56 -12.83 32.55 -5.87
N LYS C 57 -12.25 31.68 -5.04
CA LYS C 57 -10.88 31.22 -5.19
C LYS C 57 -10.81 29.74 -4.80
N LYS C 58 -11.93 29.22 -4.28
CA LYS C 58 -12.04 27.83 -3.84
C LYS C 58 -11.42 26.83 -4.80
N ASN C 59 -12.05 26.67 -5.96
CA ASN C 59 -11.56 25.74 -6.97
C ASN C 59 -10.12 26.05 -7.31
N ILE C 60 -9.76 27.32 -7.29
CA ILE C 60 -8.40 27.71 -7.58
C ILE C 60 -7.50 26.99 -6.59
N LEU C 61 -7.99 26.85 -5.36
CA LEU C 61 -7.24 26.19 -4.30
C LEU C 61 -7.28 24.67 -4.36
N PHE C 62 -8.45 24.11 -4.65
CA PHE C 62 -8.59 22.66 -4.70
C PHE C 62 -8.41 22.01 -6.06
N GLY C 63 -8.53 22.79 -7.13
CA GLY C 63 -8.38 22.21 -8.45
C GLY C 63 -9.44 21.15 -8.64
N ASN C 64 -9.19 20.15 -9.47
CA ASN C 64 -10.20 19.13 -9.66
C ASN C 64 -10.05 17.97 -8.68
N MET C 65 -9.63 18.26 -7.46
CA MET C 65 -9.48 17.20 -6.48
C MET C 65 -10.74 16.38 -6.34
N GLU C 66 -11.89 17.04 -6.25
CA GLU C 66 -13.15 16.31 -6.13
C GLU C 66 -13.32 15.34 -7.32
N GLU C 67 -13.10 15.85 -8.53
CA GLU C 67 -13.23 15.04 -9.72
C GLU C 67 -12.36 13.79 -9.58
N ILE C 68 -11.12 14.01 -9.14
CA ILE C 68 -10.19 12.92 -8.96
C ILE C 68 -10.68 11.96 -7.87
N TYR C 69 -11.23 12.53 -6.81
CA TYR C 69 -11.74 11.72 -5.71
C TYR C 69 -12.82 10.75 -6.18
N HIS C 70 -13.86 11.28 -6.82
CA HIS C 70 -14.93 10.43 -7.32
C HIS C 70 -14.39 9.32 -8.19
N PHE C 71 -13.44 9.66 -9.05
CA PHE C 71 -12.89 8.66 -9.95
C PHE C 71 -12.33 7.47 -9.18
N HIS C 72 -11.40 7.76 -8.27
CA HIS C 72 -10.76 6.72 -7.47
C HIS C 72 -11.73 6.02 -6.54
N ASN C 73 -12.73 6.76 -6.09
CA ASN C 73 -13.70 6.19 -5.18
C ASN C 73 -14.77 5.35 -5.87
N ARG C 74 -15.28 5.82 -7.00
CA ARG C 74 -16.32 5.10 -7.70
C ARG C 74 -15.85 4.08 -8.74
N ILE C 75 -14.69 4.32 -9.35
CA ILE C 75 -14.22 3.39 -10.36
C ILE C 75 -12.92 2.67 -10.06
N PHE C 76 -11.84 3.43 -10.10
CA PHE C 76 -10.50 2.87 -9.95
C PHE C 76 -10.22 1.93 -8.78
N LEU C 77 -10.55 2.32 -7.56
CA LEU C 77 -10.30 1.44 -6.44
C LEU C 77 -11.03 0.10 -6.67
N ARG C 78 -12.32 0.17 -6.98
CA ARG C 78 -13.12 -1.02 -7.23
C ARG C 78 -12.45 -1.90 -8.27
N GLU C 79 -11.95 -1.29 -9.34
CA GLU C 79 -11.31 -2.09 -10.38
C GLU C 79 -9.96 -2.65 -9.98
N LEU C 80 -9.23 -1.92 -9.14
CA LEU C 80 -7.92 -2.39 -8.70
C LEU C 80 -8.08 -3.57 -7.77
N GLU C 81 -9.14 -3.55 -6.97
CA GLU C 81 -9.40 -4.64 -6.04
C GLU C 81 -9.80 -5.93 -6.75
N SER C 82 -10.37 -5.83 -7.94
CA SER C 82 -10.76 -7.05 -8.63
C SER C 82 -9.51 -7.93 -8.80
N CYS C 83 -8.38 -7.30 -9.08
CA CYS C 83 -7.14 -8.03 -9.30
C CYS C 83 -6.46 -8.59 -8.04
N ILE C 84 -7.12 -8.51 -6.90
CA ILE C 84 -6.50 -9.01 -5.68
C ILE C 84 -5.97 -10.43 -5.88
N ASP C 85 -6.73 -11.24 -6.62
CA ASP C 85 -6.33 -12.62 -6.86
C ASP C 85 -5.39 -12.78 -8.05
N CYS C 86 -5.29 -11.75 -8.88
CA CYS C 86 -4.41 -11.82 -10.05
C CYS C 86 -3.64 -10.53 -10.26
N PRO C 87 -2.82 -10.16 -9.27
CA PRO C 87 -2.02 -8.94 -9.35
C PRO C 87 -1.18 -8.77 -10.62
N GLU C 88 -0.79 -9.86 -11.26
CA GLU C 88 0.03 -9.72 -12.46
C GLU C 88 -0.66 -8.93 -13.57
N LEU C 89 -1.99 -8.99 -13.59
CA LEU C 89 -2.76 -8.31 -14.63
C LEU C 89 -3.33 -6.97 -14.22
N VAL C 90 -2.78 -6.37 -13.17
CA VAL C 90 -3.28 -5.09 -12.70
C VAL C 90 -2.90 -4.01 -13.69
N GLY C 91 -2.03 -4.36 -14.63
CA GLY C 91 -1.61 -3.40 -15.64
C GLY C 91 -2.72 -3.05 -16.62
N ARG C 92 -3.76 -3.88 -16.63
CA ARG C 92 -4.90 -3.70 -17.52
C ARG C 92 -5.70 -2.47 -17.09
N CYS C 93 -5.92 -2.34 -15.79
CA CYS C 93 -6.67 -1.21 -15.24
C CYS C 93 -6.07 0.11 -15.67
N PHE C 94 -4.83 0.34 -15.25
CA PHE C 94 -4.15 1.58 -15.58
C PHE C 94 -4.30 1.90 -17.07
N LEU C 95 -4.06 0.91 -17.92
CA LEU C 95 -4.19 1.12 -19.34
C LEU C 95 -5.60 1.54 -19.72
N GLU C 96 -6.57 0.68 -19.44
CA GLU C 96 -7.95 0.96 -19.78
C GLU C 96 -8.54 2.26 -19.23
N ARG C 97 -7.83 2.95 -18.33
CA ARG C 97 -8.32 4.22 -17.78
C ARG C 97 -7.41 5.42 -18.01
N MET C 98 -6.42 5.28 -18.89
CA MET C 98 -5.51 6.38 -19.14
C MET C 98 -6.24 7.62 -19.61
N GLU C 99 -7.45 7.43 -20.11
CA GLU C 99 -8.23 8.57 -20.55
C GLU C 99 -8.67 9.31 -19.31
N GLU C 100 -9.13 8.55 -18.32
CA GLU C 100 -9.59 9.14 -17.07
C GLU C 100 -8.43 9.82 -16.36
N PHE C 101 -7.24 9.25 -16.49
CA PHE C 101 -6.09 9.83 -15.82
C PHE C 101 -5.74 11.23 -16.27
N GLN C 102 -6.22 11.62 -17.44
CA GLN C 102 -5.94 12.97 -17.93
C GLN C 102 -6.30 14.03 -16.87
N ILE C 103 -7.21 13.68 -15.95
CA ILE C 103 -7.63 14.62 -14.91
C ILE C 103 -6.44 15.09 -14.09
N TYR C 104 -5.42 14.25 -14.00
CA TYR C 104 -4.23 14.59 -13.24
C TYR C 104 -3.47 15.73 -13.87
N GLU C 105 -3.52 15.79 -15.20
CA GLU C 105 -2.84 16.85 -15.93
C GLU C 105 -3.51 18.18 -15.57
N LYS C 106 -4.84 18.16 -15.55
CA LYS C 106 -5.61 19.34 -15.19
C LYS C 106 -5.28 19.76 -13.76
N TYR C 107 -5.18 18.78 -12.85
CA TYR C 107 -4.90 19.07 -11.46
C TYR C 107 -3.55 19.75 -11.27
N CYS C 108 -2.54 19.24 -11.96
CA CYS C 108 -1.20 19.79 -11.85
C CYS C 108 -1.10 21.18 -12.47
N GLN C 109 -1.75 21.35 -13.61
CA GLN C 109 -1.73 22.62 -14.30
C GLN C 109 -2.17 23.75 -13.39
N ASN C 110 -3.23 23.50 -12.61
CA ASN C 110 -3.74 24.50 -11.69
C ASN C 110 -2.86 24.65 -10.45
N LYS C 111 -2.31 23.53 -10.00
CA LYS C 111 -1.47 23.48 -8.80
C LYS C 111 -0.60 24.71 -8.51
N PRO C 112 0.19 25.19 -9.50
CA PRO C 112 1.02 26.37 -9.22
C PRO C 112 0.20 27.53 -8.70
N ARG C 113 -0.89 27.86 -9.40
CA ARG C 113 -1.73 28.95 -8.96
C ARG C 113 -2.26 28.70 -7.56
N SER C 114 -2.70 27.47 -7.31
CA SER C 114 -3.19 27.11 -5.99
C SER C 114 -2.15 27.56 -4.99
N GLU C 115 -0.92 27.10 -5.22
CA GLU C 115 0.20 27.41 -4.35
C GLU C 115 0.40 28.91 -4.14
N SER C 116 0.16 29.70 -5.19
CA SER C 116 0.32 31.14 -5.07
C SER C 116 -0.71 31.62 -4.06
N LEU C 117 -1.95 31.17 -4.28
CA LEU C 117 -3.06 31.53 -3.42
C LEU C 117 -2.87 31.07 -1.99
N TRP C 118 -2.43 29.83 -1.82
CA TRP C 118 -2.21 29.28 -0.48
C TRP C 118 -1.11 30.03 0.25
N ARG C 119 -0.10 30.44 -0.50
CA ARG C 119 1.04 31.16 0.03
C ARG C 119 0.55 32.49 0.57
N GLN C 120 -0.49 33.03 -0.06
CA GLN C 120 -1.05 34.32 0.30
C GLN C 120 -2.14 34.32 1.37
N CYS C 121 -2.57 33.16 1.84
CA CYS C 121 -3.62 33.12 2.85
C CYS C 121 -3.57 31.91 3.76
N SER C 122 -2.47 31.19 3.76
CA SER C 122 -2.34 30.01 4.60
C SER C 122 -2.55 30.24 6.10
N ASP C 123 -2.28 31.46 6.56
CA ASP C 123 -2.42 31.80 7.97
C ASP C 123 -3.89 32.07 8.34
N CYS C 124 -4.69 32.43 7.34
CA CYS C 124 -6.11 32.72 7.52
C CYS C 124 -6.76 31.88 8.62
N PRO C 125 -7.53 32.51 9.52
CA PRO C 125 -8.22 31.83 10.63
C PRO C 125 -9.00 30.61 10.18
N PHE C 126 -9.75 30.78 9.09
CA PHE C 126 -10.57 29.72 8.53
C PHE C 126 -9.86 28.37 8.54
N PHE C 127 -8.70 28.31 7.88
CA PHE C 127 -7.94 27.07 7.82
C PHE C 127 -7.53 26.56 9.20
N GLN C 128 -6.97 27.44 10.02
CA GLN C 128 -6.54 27.07 11.36
C GLN C 128 -7.67 26.32 12.05
N GLU C 129 -8.88 26.84 11.90
CA GLU C 129 -10.04 26.22 12.51
C GLU C 129 -10.32 24.84 11.94
N CYS C 130 -10.51 24.75 10.63
CA CYS C 130 -10.77 23.47 9.98
C CYS C 130 -9.78 22.42 10.43
N GLN C 131 -8.53 22.83 10.63
CA GLN C 131 -7.49 21.90 11.05
C GLN C 131 -7.71 21.41 12.47
N LYS C 132 -8.17 22.29 13.36
CA LYS C 132 -8.44 21.89 14.74
C LYS C 132 -9.49 20.81 14.67
N LYS C 133 -10.66 21.20 14.17
CA LYS C 133 -11.79 20.32 14.01
C LYS C 133 -11.38 18.96 13.47
N LEU C 134 -10.47 18.95 12.50
CA LEU C 134 -9.99 17.70 11.92
C LEU C 134 -8.97 17.01 12.80
N ASP C 135 -8.36 17.78 13.71
CA ASP C 135 -7.36 17.23 14.60
C ASP C 135 -6.18 16.75 13.76
N HIS C 136 -5.90 17.47 12.68
CA HIS C 136 -4.79 17.14 11.78
C HIS C 136 -3.47 17.68 12.27
N LYS C 137 -2.47 16.82 12.33
CA LYS C 137 -1.15 17.20 12.78
C LYS C 137 -0.56 18.11 11.70
N LEU C 138 -0.92 17.83 10.44
CA LEU C 138 -0.46 18.59 9.27
C LEU C 138 -1.52 19.53 8.72
N SER C 139 -1.10 20.48 7.89
CA SER C 139 -2.04 21.44 7.29
C SER C 139 -2.44 21.13 5.86
N LEU C 140 -3.56 21.73 5.43
CA LEU C 140 -4.14 21.54 4.10
C LEU C 140 -3.20 21.40 2.91
N ASP C 141 -2.09 22.14 2.92
CA ASP C 141 -1.16 22.08 1.79
C ASP C 141 -0.51 20.72 1.55
N SER C 142 -0.27 19.95 2.61
CA SER C 142 0.33 18.64 2.42
C SER C 142 -0.65 17.64 1.77
N TYR C 143 -1.94 17.90 1.89
CA TYR C 143 -2.91 17.02 1.27
C TYR C 143 -3.10 17.43 -0.18
N LEU C 144 -3.13 18.74 -0.44
CA LEU C 144 -3.31 19.23 -1.80
C LEU C 144 -2.21 18.66 -2.70
N LEU C 145 -1.16 18.17 -2.06
CA LEU C 145 -0.03 17.61 -2.77
C LEU C 145 -0.22 16.13 -3.10
N LYS C 146 -1.11 15.48 -2.36
CA LYS C 146 -1.40 14.06 -2.52
C LYS C 146 -1.64 13.55 -3.93
N PRO C 147 -2.44 14.26 -4.74
CA PRO C 147 -2.69 13.78 -6.11
C PRO C 147 -1.42 13.67 -6.94
N VAL C 148 -0.59 14.71 -6.86
CA VAL C 148 0.65 14.76 -7.61
C VAL C 148 1.52 13.54 -7.37
N GLN C 149 1.70 13.21 -6.10
CA GLN C 149 2.51 12.08 -5.67
C GLN C 149 1.94 10.73 -6.08
N ARG C 150 0.64 10.58 -5.88
CA ARG C 150 -0.05 9.33 -6.21
C ARG C 150 0.35 8.75 -7.57
N ILE C 151 0.54 9.64 -8.55
CA ILE C 151 0.89 9.21 -9.90
C ILE C 151 2.25 8.56 -9.97
N THR C 152 3.18 9.03 -9.15
CA THR C 152 4.52 8.47 -9.12
C THR C 152 4.52 7.16 -8.35
N LYS C 153 3.76 7.12 -7.25
CA LYS C 153 3.68 5.92 -6.43
C LYS C 153 3.28 4.79 -7.38
N TYR C 154 2.29 5.07 -8.22
CA TYR C 154 1.81 4.12 -9.22
C TYR C 154 2.98 3.63 -10.02
N GLN C 155 3.73 4.58 -10.57
CA GLN C 155 4.91 4.26 -11.38
C GLN C 155 5.83 3.32 -10.62
N LEU C 156 6.22 3.72 -9.42
CA LEU C 156 7.10 2.89 -8.61
C LEU C 156 6.48 1.51 -8.37
N LEU C 157 5.21 1.48 -7.97
CA LEU C 157 4.56 0.21 -7.73
C LEU C 157 4.48 -0.62 -9.00
N LEU C 158 4.08 -0.01 -10.11
CA LEU C 158 3.99 -0.78 -11.34
C LEU C 158 5.37 -1.32 -11.70
N LYS C 159 6.39 -0.50 -11.48
CA LYS C 159 7.76 -0.92 -11.78
C LYS C 159 8.11 -2.15 -10.97
N GLU C 160 7.62 -2.18 -9.73
CA GLU C 160 7.86 -3.28 -8.80
C GLU C 160 7.11 -4.55 -9.17
N MET C 161 5.86 -4.39 -9.60
CA MET C 161 5.02 -5.51 -9.99
C MET C 161 5.66 -6.28 -11.14
N LEU C 162 6.03 -5.56 -12.18
CA LEU C 162 6.67 -6.15 -13.36
C LEU C 162 7.89 -6.94 -12.93
N LYS C 163 8.66 -6.36 -12.02
CA LYS C 163 9.87 -6.96 -11.48
C LYS C 163 9.67 -8.42 -11.10
N TYR C 164 8.52 -8.73 -10.53
CA TYR C 164 8.22 -10.09 -10.12
C TYR C 164 7.22 -10.72 -11.07
N SER C 165 7.17 -10.25 -12.31
CA SER C 165 6.20 -10.80 -13.25
C SER C 165 6.68 -10.94 -14.68
N LYS C 166 7.97 -10.75 -14.91
CA LYS C 166 8.49 -10.86 -16.25
C LYS C 166 8.02 -12.10 -17.03
N HIS C 167 7.72 -13.17 -16.31
CA HIS C 167 7.27 -14.41 -16.94
C HIS C 167 5.78 -14.68 -16.85
N CYS C 168 5.06 -13.85 -16.10
CA CYS C 168 3.62 -14.04 -15.94
C CYS C 168 2.83 -13.46 -17.10
N GLU C 169 1.60 -13.93 -17.26
CA GLU C 169 0.72 -13.43 -18.30
C GLU C 169 0.23 -12.09 -17.80
N GLY C 170 0.52 -11.04 -18.56
CA GLY C 170 0.12 -9.70 -18.14
C GLY C 170 1.34 -8.82 -18.11
N ALA C 171 2.50 -9.47 -18.10
CA ALA C 171 3.77 -8.79 -18.11
C ALA C 171 3.70 -7.70 -19.16
N GLU C 172 3.03 -8.03 -20.26
CA GLU C 172 2.84 -7.13 -21.39
C GLU C 172 2.10 -5.85 -20.95
N ASP C 173 0.94 -6.04 -20.30
CA ASP C 173 0.12 -4.92 -19.83
C ASP C 173 0.89 -4.06 -18.85
N LEU C 174 1.66 -4.70 -17.97
CA LEU C 174 2.47 -4.01 -16.98
C LEU C 174 3.44 -3.02 -17.61
N GLN C 175 4.27 -3.53 -18.52
CA GLN C 175 5.23 -2.70 -19.22
C GLN C 175 4.47 -1.50 -19.78
N GLU C 176 3.42 -1.79 -20.55
CA GLU C 176 2.58 -0.78 -21.15
C GLU C 176 2.20 0.27 -20.12
N ALA C 177 1.31 -0.13 -19.22
CA ALA C 177 0.82 0.78 -18.17
C ALA C 177 1.95 1.57 -17.57
N LEU C 178 3.03 0.88 -17.22
CA LEU C 178 4.17 1.56 -16.62
C LEU C 178 4.67 2.70 -17.49
N SER C 179 4.88 2.43 -18.77
CA SER C 179 5.38 3.47 -19.66
C SER C 179 4.35 4.61 -19.77
N SER C 180 3.09 4.21 -19.87
CA SER C 180 2.00 5.16 -19.97
C SER C 180 2.08 6.17 -18.83
N ILE C 181 2.26 5.64 -17.62
CA ILE C 181 2.34 6.45 -16.42
C ILE C 181 3.54 7.35 -16.46
N LEU C 182 4.63 6.85 -17.02
CA LEU C 182 5.83 7.65 -17.17
C LEU C 182 5.44 8.80 -18.09
N GLY C 183 4.66 8.45 -19.12
CA GLY C 183 4.20 9.45 -20.06
C GLY C 183 3.47 10.55 -19.34
N ILE C 184 2.46 10.18 -18.54
CA ILE C 184 1.67 11.16 -17.78
C ILE C 184 2.62 12.03 -16.98
N LEU C 185 3.63 11.40 -16.38
CA LEU C 185 4.60 12.15 -15.59
C LEU C 185 5.36 13.16 -16.45
N LYS C 186 5.84 12.72 -17.62
CA LYS C 186 6.56 13.63 -18.50
C LYS C 186 5.62 14.74 -18.93
N ALA C 187 4.47 14.35 -19.46
CA ALA C 187 3.45 15.31 -19.91
C ALA C 187 3.30 16.46 -18.93
N VAL C 188 3.09 16.11 -17.67
CA VAL C 188 2.92 17.09 -16.62
C VAL C 188 4.20 17.85 -16.33
N ASN C 189 5.33 17.16 -16.37
CA ASN C 189 6.60 17.80 -16.10
C ASN C 189 6.86 18.89 -17.14
N ASP C 190 6.49 18.63 -18.39
CA ASP C 190 6.68 19.63 -19.42
C ASP C 190 5.61 20.71 -19.31
N SER C 191 4.33 20.32 -19.32
CA SER C 191 3.24 21.29 -19.21
C SER C 191 3.56 22.42 -18.20
N MET C 192 4.11 22.04 -17.05
CA MET C 192 4.45 23.01 -16.01
C MET C 192 5.38 24.12 -16.52
N HIS C 193 6.18 23.80 -17.54
CA HIS C 193 7.11 24.79 -18.09
C HIS C 193 6.39 25.84 -18.93
N LEU C 194 5.06 25.91 -18.82
CA LEU C 194 4.28 26.88 -19.57
C LEU C 194 3.32 27.62 -18.65
N ILE C 195 2.69 26.86 -17.76
CA ILE C 195 1.71 27.36 -16.82
C ILE C 195 1.89 28.80 -16.31
N ALA C 196 2.40 28.96 -15.10
CA ALA C 196 2.57 30.30 -14.53
C ALA C 196 3.61 31.18 -15.22
N ILE C 197 3.96 30.82 -16.46
CA ILE C 197 4.94 31.59 -17.23
C ILE C 197 4.69 31.64 -18.73
N THR C 198 5.75 31.92 -19.50
CA THR C 198 5.64 32.04 -20.96
C THR C 198 4.69 33.19 -21.26
N GLY C 199 5.09 34.41 -20.89
CA GLY C 199 4.27 35.58 -21.11
C GLY C 199 4.57 36.36 -22.38
N TYR C 200 3.70 36.21 -23.36
CA TYR C 200 3.83 36.90 -24.65
C TYR C 200 2.58 36.55 -25.47
N ASP C 201 1.94 37.56 -26.06
CA ASP C 201 0.73 37.34 -26.86
C ASP C 201 -0.33 36.52 -26.13
N GLY C 202 -1.42 36.23 -26.85
CA GLY C 202 -2.51 35.45 -26.28
C GLY C 202 -2.82 34.30 -27.20
N ASN C 203 -1.81 33.82 -27.90
CA ASN C 203 -1.95 32.71 -28.83
C ASN C 203 -2.31 31.40 -28.14
N LEU C 204 -2.62 31.49 -26.84
CA LEU C 204 -2.98 30.33 -26.06
C LEU C 204 -2.00 29.16 -26.27
N GLY C 205 -2.30 28.30 -27.25
CA GLY C 205 -1.42 27.18 -27.50
C GLY C 205 -1.43 26.60 -28.91
N ASP C 206 -1.55 25.28 -29.00
CA ASP C 206 -1.56 24.51 -30.25
C ASP C 206 -0.12 24.08 -30.56
N LEU C 207 0.48 23.35 -29.62
CA LEU C 207 1.88 22.90 -29.72
C LEU C 207 2.07 21.39 -29.51
N GLY C 208 3.32 20.93 -29.58
CA GLY C 208 3.61 19.52 -29.41
C GLY C 208 4.42 19.07 -28.21
N LYS C 209 5.17 17.97 -28.38
CA LYS C 209 6.01 17.39 -27.33
C LYS C 209 7.36 18.08 -27.25
N LEU C 210 8.09 17.88 -26.16
CA LEU C 210 9.41 18.47 -25.99
C LEU C 210 10.50 17.50 -26.46
N LEU C 211 11.44 18.00 -27.26
CA LEU C 211 12.53 17.18 -27.77
C LEU C 211 13.87 17.66 -27.23
N MET C 212 14.01 18.97 -27.09
CA MET C 212 15.25 19.56 -26.58
C MET C 212 14.87 20.89 -25.93
N GLN C 213 15.76 21.43 -25.10
CA GLN C 213 15.53 22.73 -24.45
C GLN C 213 16.62 23.15 -23.47
N GLY C 214 17.64 23.83 -23.99
CA GLY C 214 18.74 24.29 -23.15
C GLY C 214 18.79 25.80 -23.07
N SER C 215 19.94 26.34 -22.70
CA SER C 215 20.12 27.79 -22.59
C SER C 215 21.18 28.27 -23.58
N PHE C 216 20.86 29.34 -24.31
CA PHE C 216 21.78 29.88 -25.32
C PHE C 216 21.97 31.39 -25.29
N SER C 217 22.52 31.89 -26.39
CA SER C 217 22.77 33.32 -26.62
C SER C 217 22.22 33.55 -28.03
N VAL C 218 21.40 34.58 -28.23
CA VAL C 218 20.82 34.78 -29.55
C VAL C 218 21.08 36.14 -30.22
N TRP C 219 21.16 36.13 -31.54
CA TRP C 219 21.36 37.33 -32.35
C TRP C 219 20.36 37.27 -33.49
N THR C 220 19.71 38.38 -33.80
CA THR C 220 18.71 38.38 -34.87
C THR C 220 19.28 38.97 -36.16
N ASP C 221 18.69 38.55 -37.28
CA ASP C 221 19.10 39.01 -38.60
C ASP C 221 17.89 39.50 -39.40
N LYS C 236 26.19 44.07 -27.78
CA LYS C 236 25.21 43.26 -28.55
C LYS C 236 25.38 41.77 -28.26
N PRO C 237 24.27 41.10 -27.96
CA PRO C 237 24.23 39.66 -27.68
C PRO C 237 22.82 39.24 -27.29
N MET C 238 22.58 39.10 -25.98
CA MET C 238 21.26 38.71 -25.43
C MET C 238 21.22 37.26 -24.94
N GLN C 239 20.65 37.07 -23.75
CA GLN C 239 20.53 35.73 -23.15
C GLN C 239 19.09 35.24 -23.30
N ARG C 240 18.95 33.98 -23.69
CA ARG C 240 17.63 33.38 -23.88
C ARG C 240 17.64 31.86 -23.73
N HIS C 241 16.53 31.32 -23.24
CA HIS C 241 16.37 29.87 -23.07
C HIS C 241 15.32 29.51 -24.12
N LEU C 242 15.42 28.30 -24.66
CA LEU C 242 14.47 27.86 -25.67
C LEU C 242 14.11 26.38 -25.60
N PHE C 243 12.85 26.09 -25.91
CA PHE C 243 12.36 24.72 -25.90
C PHE C 243 12.50 24.14 -27.29
N LEU C 244 11.81 23.02 -27.56
CA LEU C 244 11.87 22.38 -28.88
C LEU C 244 10.76 21.36 -29.09
N HIS C 245 9.79 21.71 -29.94
CA HIS C 245 8.65 20.82 -30.23
C HIS C 245 8.47 20.77 -31.75
N GLU C 246 8.16 19.60 -32.30
CA GLU C 246 8.00 19.53 -33.76
C GLU C 246 6.90 20.49 -34.23
N LYS C 247 6.07 20.93 -33.30
CA LYS C 247 4.98 21.85 -33.63
C LYS C 247 5.51 23.28 -33.79
N ALA C 248 6.52 23.61 -32.98
CA ALA C 248 7.11 24.94 -33.01
C ALA C 248 8.28 25.06 -32.05
N VAL C 249 9.30 25.81 -32.46
CA VAL C 249 10.48 26.04 -31.63
C VAL C 249 10.22 27.25 -30.72
N LEU C 250 10.30 27.04 -29.40
CA LEU C 250 10.06 28.10 -28.43
C LEU C 250 11.33 28.82 -27.95
N PHE C 251 11.20 30.11 -27.68
CA PHE C 251 12.28 30.95 -27.17
C PHE C 251 11.66 31.68 -25.97
N CYS C 252 12.03 31.27 -24.76
CA CYS C 252 11.43 31.88 -23.58
C CYS C 252 12.42 32.21 -22.47
N LYS C 253 13.03 33.39 -22.54
CA LYS C 253 13.99 33.85 -21.53
C LYS C 253 13.52 33.48 -20.12
N LYS C 254 14.26 32.56 -19.50
CA LYS C 254 13.94 32.09 -18.14
C LYS C 254 14.42 33.06 -17.07
N ARG C 255 13.58 34.05 -16.80
CA ARG C 255 13.87 35.07 -15.80
C ARG C 255 14.22 34.53 -14.41
N TYR C 262 16.04 33.38 -2.96
CA TYR C 262 14.74 33.20 -3.68
C TYR C 262 13.83 32.23 -2.94
N GLU C 263 12.80 31.76 -3.65
CA GLU C 263 11.84 30.82 -3.10
C GLU C 263 10.86 30.40 -4.19
N LYS C 264 10.86 31.14 -5.29
CA LYS C 264 9.97 30.89 -6.42
C LYS C 264 10.56 29.86 -7.39
N ALA C 265 9.89 29.68 -8.53
CA ALA C 265 10.32 28.73 -9.55
C ALA C 265 9.79 29.06 -10.95
N PRO C 266 8.53 29.54 -11.05
CA PRO C 266 7.95 29.88 -12.36
C PRO C 266 8.50 31.19 -12.92
N SER C 267 9.33 31.08 -13.95
CA SER C 267 9.92 32.28 -14.55
C SER C 267 10.37 32.14 -16.00
N TYR C 268 9.43 31.91 -16.91
CA TYR C 268 9.76 31.78 -18.32
C TYR C 268 9.12 32.89 -19.14
N SER C 269 8.16 33.56 -18.53
CA SER C 269 7.42 34.65 -19.17
C SER C 269 8.31 35.65 -19.91
N TYR C 270 8.68 35.31 -21.14
CA TYR C 270 9.51 36.18 -21.94
C TYR C 270 9.79 35.63 -23.34
N LYS C 271 9.58 36.49 -24.33
CA LYS C 271 9.79 36.20 -25.75
C LYS C 271 8.71 35.33 -26.37
N GLN C 272 8.63 35.37 -27.70
CA GLN C 272 7.65 34.62 -28.50
C GLN C 272 8.15 33.26 -28.99
N SER C 273 7.49 32.74 -30.02
CA SER C 273 7.85 31.44 -30.56
C SER C 273 7.73 31.33 -32.08
N LEU C 274 8.56 30.47 -32.67
CA LEU C 274 8.57 30.22 -34.11
C LEU C 274 7.79 28.93 -34.39
N ASN C 275 7.19 28.86 -35.57
CA ASN C 275 6.41 27.70 -36.00
C ASN C 275 7.22 26.85 -36.96
N MET C 276 7.30 25.55 -36.67
CA MET C 276 8.05 24.60 -37.49
C MET C 276 7.72 24.74 -38.96
N THR C 277 6.55 25.30 -39.24
CA THR C 277 6.09 25.54 -40.60
C THR C 277 6.96 26.62 -41.22
N ALA C 278 8.10 26.20 -41.76
CA ALA C 278 9.08 27.08 -42.38
C ALA C 278 10.15 27.49 -41.36
N VAL C 279 10.80 26.49 -40.77
CA VAL C 279 11.85 26.70 -39.79
C VAL C 279 13.11 25.96 -40.24
N GLY C 280 14.02 26.70 -40.85
CA GLY C 280 15.26 26.10 -41.31
C GLY C 280 16.33 26.14 -40.23
N ILE C 281 17.10 25.07 -40.11
CA ILE C 281 18.16 25.02 -39.13
C ILE C 281 19.49 24.89 -39.87
N THR C 282 20.26 25.97 -39.89
CA THR C 282 21.56 25.98 -40.57
C THR C 282 22.53 25.02 -39.89
N GLU C 283 22.97 24.01 -40.63
CA GLU C 283 23.90 23.02 -40.10
C GLU C 283 25.16 23.68 -39.56
N ASN C 284 26.08 24.04 -40.45
CA ASN C 284 27.33 24.68 -40.05
C ASN C 284 27.28 26.19 -40.21
N VAL C 285 27.76 26.90 -39.19
CA VAL C 285 27.80 28.35 -39.21
C VAL C 285 29.25 28.83 -39.27
N LYS C 286 29.65 29.26 -40.47
CA LYS C 286 31.00 29.74 -40.72
C LYS C 286 31.37 30.97 -39.91
N GLY C 287 31.14 30.89 -38.60
CA GLY C 287 31.46 31.98 -37.69
C GLY C 287 32.06 31.46 -36.39
N ASP C 288 31.23 31.31 -35.37
CA ASP C 288 31.69 30.82 -34.08
C ASP C 288 31.94 29.30 -34.18
N THR C 289 32.72 28.76 -33.26
CA THR C 289 33.03 27.34 -33.27
C THR C 289 32.07 26.55 -32.38
N LYS C 290 30.83 27.00 -32.31
CA LYS C 290 29.79 26.36 -31.49
C LYS C 290 28.53 27.20 -31.55
N LYS C 291 27.77 27.07 -32.64
CA LYS C 291 26.56 27.86 -32.83
C LYS C 291 25.79 27.41 -34.08
N PHE C 292 24.55 27.88 -34.22
CA PHE C 292 23.73 27.54 -35.38
C PHE C 292 22.71 28.65 -35.65
N GLU C 293 21.72 28.39 -36.50
CA GLU C 293 20.73 29.41 -36.81
C GLU C 293 19.32 28.90 -37.00
N ILE C 294 18.35 29.77 -36.70
CA ILE C 294 16.93 29.42 -36.82
C ILE C 294 16.15 30.48 -37.60
N TRP C 295 16.15 30.37 -38.92
CA TRP C 295 15.42 31.34 -39.74
C TRP C 295 13.93 31.02 -39.85
N TYR C 296 13.14 32.03 -40.19
CA TYR C 296 11.70 31.89 -40.31
C TYR C 296 11.17 32.53 -41.59
N ASN C 297 10.56 31.71 -42.45
CA ASN C 297 9.99 32.14 -43.73
C ASN C 297 11.06 32.50 -44.78
N ALA C 298 10.90 33.68 -45.38
CA ALA C 298 11.81 34.16 -46.42
C ALA C 298 13.21 34.51 -45.89
N ARG C 299 13.74 33.70 -44.97
CA ARG C 299 15.06 33.93 -44.39
C ARG C 299 15.19 35.26 -43.67
N GLU C 300 14.13 36.05 -43.67
CA GLU C 300 14.12 37.36 -43.01
C GLU C 300 14.47 37.23 -41.53
N GLU C 301 13.45 36.97 -40.70
CA GLU C 301 13.67 36.82 -39.27
C GLU C 301 14.57 35.60 -39.04
N VAL C 302 15.75 35.83 -38.48
CA VAL C 302 16.70 34.76 -38.20
C VAL C 302 17.26 34.87 -36.78
N TYR C 303 17.70 33.75 -36.24
CA TYR C 303 18.25 33.70 -34.89
C TYR C 303 19.54 32.88 -34.80
N ILE C 304 20.67 33.57 -34.83
CA ILE C 304 21.98 32.92 -34.75
C ILE C 304 22.18 32.51 -33.28
N ILE C 305 22.11 31.21 -33.03
CA ILE C 305 22.21 30.66 -31.68
C ILE C 305 23.60 30.23 -31.21
N GLN C 306 24.35 31.14 -30.62
CA GLN C 306 25.66 30.77 -30.12
C GLN C 306 25.46 29.74 -29.03
N ALA C 307 25.65 28.47 -29.41
CA ALA C 307 25.49 27.35 -28.47
C ALA C 307 26.61 27.32 -27.44
N PRO C 308 26.34 26.74 -26.26
CA PRO C 308 27.38 26.66 -25.23
C PRO C 308 28.58 25.85 -25.71
N THR C 309 28.31 24.67 -26.26
CA THR C 309 29.35 23.79 -26.78
C THR C 309 28.81 22.94 -27.93
N PRO C 310 29.67 22.55 -28.88
CA PRO C 310 29.32 21.74 -30.05
C PRO C 310 28.47 20.50 -29.75
N GLU C 311 28.17 20.26 -28.48
CA GLU C 311 27.35 19.12 -28.09
C GLU C 311 25.90 19.57 -27.88
N ILE C 312 25.73 20.76 -27.31
CA ILE C 312 24.39 21.31 -27.11
C ILE C 312 24.15 22.13 -28.38
N LYS C 313 24.84 21.72 -29.43
CA LYS C 313 24.75 22.35 -30.75
C LYS C 313 24.47 21.25 -31.78
N ALA C 314 25.40 20.30 -31.86
CA ALA C 314 25.29 19.18 -32.79
C ALA C 314 23.98 18.44 -32.57
N ALA C 315 23.67 18.19 -31.30
CA ALA C 315 22.44 17.50 -30.92
C ALA C 315 21.22 18.33 -31.30
N TRP C 316 21.37 19.65 -31.28
CA TRP C 316 20.27 20.55 -31.63
C TRP C 316 20.03 20.64 -33.12
N VAL C 317 21.04 21.08 -33.86
CA VAL C 317 20.93 21.22 -35.30
C VAL C 317 20.58 19.89 -35.98
N ASN C 318 20.62 18.81 -35.20
CA ASN C 318 20.32 17.48 -35.72
C ASN C 318 18.95 16.94 -35.34
N GLU C 319 18.50 17.17 -34.11
CA GLU C 319 17.18 16.68 -33.68
C GLU C 319 16.08 17.36 -34.51
N ILE C 320 16.52 18.23 -35.43
CA ILE C 320 15.63 18.95 -36.31
C ILE C 320 15.61 18.20 -37.65
N ARG C 321 15.33 16.90 -37.54
CA ARG C 321 15.24 15.97 -38.68
C ARG C 321 14.08 15.03 -38.36
N LYS C 322 13.86 14.77 -37.07
CA LYS C 322 12.76 13.93 -36.60
C LYS C 322 11.62 14.92 -36.48
N VAL C 323 11.94 16.15 -36.88
CA VAL C 323 11.03 17.28 -36.85
C VAL C 323 10.88 17.85 -38.27
N LEU C 324 11.91 18.52 -38.77
CA LEU C 324 11.88 19.12 -40.11
C LEU C 324 11.72 18.05 -41.19
N THR C 325 12.67 17.11 -41.23
CA THR C 325 12.66 16.03 -42.21
C THR C 325 11.39 15.16 -42.11
N SER C 326 10.93 14.89 -40.88
CA SER C 326 9.72 14.09 -40.67
C SER C 326 8.47 14.94 -40.89
N GLN C 327 8.64 16.27 -40.87
CA GLN C 327 7.52 17.19 -41.10
C GLN C 327 7.36 17.36 -42.60
N LEU C 328 8.48 17.59 -43.28
CA LEU C 328 8.52 17.78 -44.73
C LEU C 328 7.63 16.73 -45.41
N GLN C 329 7.41 15.62 -44.71
CA GLN C 329 6.60 14.53 -45.21
C GLN C 329 5.21 14.52 -44.57
N GLU D 3 -16.27 47.52 3.20
CA GLU D 3 -15.35 46.53 3.83
C GLU D 3 -13.90 46.87 3.48
N GLU D 4 -12.97 46.45 4.33
CA GLU D 4 -11.56 46.71 4.11
C GLU D 4 -11.18 46.45 2.64
N GLU D 5 -11.72 45.37 2.08
CA GLU D 5 -11.45 44.99 0.68
C GLU D 5 -11.83 46.08 -0.31
N GLU D 6 -13.13 46.26 -0.49
CA GLU D 6 -13.67 47.28 -1.40
C GLU D 6 -12.67 48.43 -1.54
N SER D 7 -12.21 48.94 -0.40
CA SER D 7 -11.25 50.04 -0.38
C SER D 7 -10.11 49.78 -1.34
N LEU D 8 -9.18 48.93 -0.92
CA LEU D 8 -8.02 48.58 -1.72
C LEU D 8 -8.32 48.50 -3.22
N ALA D 9 -9.28 47.67 -3.60
CA ALA D 9 -9.64 47.52 -5.01
C ALA D 9 -9.86 48.88 -5.63
N ILE D 10 -10.55 49.75 -4.89
CA ILE D 10 -10.83 51.11 -5.36
C ILE D 10 -9.55 51.92 -5.47
N LEU D 11 -8.73 51.84 -4.42
CA LEU D 11 -7.46 52.59 -4.40
C LEU D 11 -6.52 52.09 -5.47
N ARG D 12 -6.40 50.77 -5.58
CA ARG D 12 -5.53 50.16 -6.58
C ARG D 12 -6.00 50.64 -7.93
N ARG D 13 -7.30 50.85 -8.05
CA ARG D 13 -7.88 51.33 -9.30
C ARG D 13 -7.28 52.72 -9.53
N HIS D 14 -7.34 53.55 -8.49
CA HIS D 14 -6.79 54.89 -8.58
C HIS D 14 -5.32 54.88 -8.91
N VAL D 15 -4.56 54.08 -8.18
CA VAL D 15 -3.13 53.98 -8.45
C VAL D 15 -3.01 53.51 -9.89
N MET D 16 -3.88 52.60 -10.28
CA MET D 16 -3.88 52.09 -11.63
C MET D 16 -4.15 53.21 -12.60
N ASN D 17 -5.22 53.97 -12.36
CA ASN D 17 -5.57 55.07 -13.23
C ASN D 17 -4.45 56.11 -13.34
N GLU D 18 -3.74 56.36 -12.24
CA GLU D 18 -2.65 57.33 -12.25
C GLU D 18 -1.45 56.80 -13.01
N LEU D 19 -1.20 55.51 -12.88
CA LEU D 19 -0.09 54.87 -13.57
C LEU D 19 -0.33 54.99 -15.08
N LEU D 20 -1.57 54.71 -15.49
CA LEU D 20 -1.96 54.76 -16.89
C LEU D 20 -1.98 56.18 -17.43
N ASP D 21 -2.63 57.09 -16.72
CA ASP D 21 -2.69 58.48 -17.16
C ASP D 21 -1.30 59.07 -17.32
N THR D 22 -0.55 59.14 -16.22
CA THR D 22 0.80 59.69 -16.25
C THR D 22 1.59 59.02 -17.37
N GLU D 23 1.19 57.80 -17.71
CA GLU D 23 1.84 57.02 -18.75
C GLU D 23 1.67 57.68 -20.10
N ARG D 24 0.42 57.77 -20.56
CA ARG D 24 0.10 58.38 -21.84
C ARG D 24 0.71 59.77 -21.89
N ALA D 25 0.53 60.51 -20.81
CA ALA D 25 1.09 61.85 -20.71
C ALA D 25 2.60 61.79 -20.87
N TYR D 26 3.20 60.73 -20.34
CA TYR D 26 4.64 60.53 -20.43
C TYR D 26 4.99 60.31 -21.89
N VAL D 27 4.24 59.44 -22.55
CA VAL D 27 4.47 59.11 -23.96
C VAL D 27 4.30 60.32 -24.89
N GLU D 28 3.33 61.18 -24.59
CA GLU D 28 3.09 62.37 -25.40
C GLU D 28 4.26 63.34 -25.25
N GLU D 29 4.85 63.36 -24.06
CA GLU D 29 5.99 64.22 -23.76
C GLU D 29 7.23 63.82 -24.56
N LEU D 30 7.40 62.52 -24.78
CA LEU D 30 8.53 62.03 -25.54
C LEU D 30 8.36 62.30 -27.04
N LEU D 31 7.24 61.85 -27.57
CA LEU D 31 6.92 62.02 -28.99
C LEU D 31 6.94 63.48 -29.41
N CYS D 32 6.57 64.37 -28.48
CA CYS D 32 6.57 65.79 -28.77
C CYS D 32 8.01 66.27 -28.88
N VAL D 33 8.89 65.64 -28.12
CA VAL D 33 10.31 66.00 -28.11
C VAL D 33 11.15 65.23 -29.12
N LEU D 34 10.71 64.02 -29.46
CA LEU D 34 11.43 63.18 -30.42
C LEU D 34 11.20 63.68 -31.85
N GLU D 35 10.33 64.67 -31.99
CA GLU D 35 10.02 65.25 -33.29
C GLU D 35 10.15 66.76 -33.19
N GLY D 36 9.62 67.31 -32.12
CA GLY D 36 9.67 68.74 -31.90
C GLY D 36 11.08 69.20 -31.59
N TYR D 37 12.00 68.25 -31.46
CA TYR D 37 13.39 68.55 -31.17
C TYR D 37 14.36 67.75 -32.03
N ALA D 38 14.33 66.42 -31.89
CA ALA D 38 15.22 65.54 -32.63
C ALA D 38 15.01 65.57 -34.14
N ALA D 39 13.78 65.86 -34.55
CA ALA D 39 13.44 65.92 -35.98
C ALA D 39 13.86 67.27 -36.57
N GLU D 40 14.16 68.22 -35.70
CA GLU D 40 14.59 69.55 -36.13
C GLU D 40 16.09 69.57 -36.30
N MET D 41 16.66 68.37 -36.49
CA MET D 41 18.08 68.19 -36.69
C MET D 41 18.27 67.28 -37.89
N ASP D 42 17.18 66.64 -38.31
CA ASP D 42 17.18 65.74 -39.46
C ASP D 42 16.49 66.48 -40.59
N ASN D 43 15.75 67.52 -40.23
CA ASN D 43 15.02 68.35 -41.17
C ASN D 43 15.98 69.29 -41.89
N PRO D 44 16.19 69.08 -43.21
CA PRO D 44 17.09 69.93 -43.97
C PRO D 44 16.71 71.42 -43.86
N LEU D 45 15.41 71.68 -43.78
CA LEU D 45 14.89 73.05 -43.67
C LEU D 45 15.38 73.75 -42.40
N MET D 46 15.32 73.04 -41.28
CA MET D 46 15.77 73.58 -40.00
C MET D 46 17.26 73.35 -39.81
N ALA D 47 18.04 73.64 -40.84
CA ALA D 47 19.48 73.44 -40.79
C ALA D 47 20.21 74.78 -40.67
N HIS D 48 19.45 75.87 -40.79
CA HIS D 48 20.02 77.21 -40.72
C HIS D 48 20.41 77.63 -39.30
N LEU D 49 19.56 77.34 -38.33
CA LEU D 49 19.84 77.69 -36.95
C LEU D 49 20.81 76.68 -36.33
N ILE D 50 20.51 75.40 -36.53
CA ILE D 50 21.31 74.29 -36.00
C ILE D 50 22.81 74.32 -36.30
N SER D 51 23.58 73.54 -35.55
CA SER D 51 25.04 73.46 -35.68
C SER D 51 25.51 72.11 -36.24
N THR D 52 26.81 72.02 -36.54
CA THR D 52 27.42 70.80 -37.08
C THR D 52 27.71 69.73 -36.04
N GLY D 53 28.94 69.74 -35.51
CA GLY D 53 29.31 68.77 -34.50
C GLY D 53 28.27 68.75 -33.40
N LEU D 54 27.69 69.92 -33.16
CA LEU D 54 26.65 70.06 -32.14
C LEU D 54 25.33 69.52 -32.69
N GLN D 55 25.44 68.56 -33.60
CA GLN D 55 24.26 67.94 -34.22
C GLN D 55 24.32 66.42 -34.12
N ASN D 56 25.46 65.85 -34.51
CA ASN D 56 25.62 64.40 -34.47
C ASN D 56 25.93 63.92 -33.05
N LYS D 57 25.14 64.42 -32.10
CA LYS D 57 25.27 64.05 -30.69
C LYS D 57 23.87 63.88 -30.13
N LYS D 58 22.94 63.52 -31.02
CA LYS D 58 21.54 63.30 -30.69
C LYS D 58 21.39 61.99 -29.93
N ASN D 59 22.37 61.13 -30.09
CA ASN D 59 22.36 59.82 -29.43
C ASN D 59 22.89 59.98 -28.01
N ILE D 60 23.73 60.99 -27.81
CA ILE D 60 24.33 61.26 -26.51
C ILE D 60 23.56 62.35 -25.75
N LEU D 61 22.97 63.29 -26.48
CA LEU D 61 22.21 64.38 -25.88
C LEU D 61 20.77 63.97 -25.59
N PHE D 62 20.25 63.07 -26.41
CA PHE D 62 18.88 62.58 -26.26
C PHE D 62 18.91 61.13 -25.79
N GLY D 63 20.10 60.56 -25.73
CA GLY D 63 20.22 59.18 -25.32
C GLY D 63 19.28 58.35 -26.16
N ASN D 64 18.96 57.14 -25.71
CA ASN D 64 18.07 56.27 -26.45
C ASN D 64 16.61 56.70 -26.36
N MET D 65 16.38 57.94 -25.94
CA MET D 65 15.03 58.48 -25.78
C MET D 65 14.03 57.93 -26.81
N GLU D 66 14.50 57.72 -28.04
CA GLU D 66 13.63 57.20 -29.07
C GLU D 66 13.17 55.78 -28.75
N GLU D 67 14.14 54.87 -28.63
CA GLU D 67 13.85 53.47 -28.33
C GLU D 67 12.85 53.36 -27.19
N ILE D 68 13.04 54.21 -26.19
CA ILE D 68 12.16 54.25 -25.03
C ILE D 68 10.73 54.47 -25.50
N TYR D 69 10.49 55.62 -26.11
CA TYR D 69 9.16 55.96 -26.61
C TYR D 69 8.45 54.73 -27.15
N HIS D 70 8.91 54.26 -28.30
CA HIS D 70 8.33 53.09 -28.94
C HIS D 70 7.93 52.01 -27.94
N PHE D 71 8.82 51.71 -27.00
CA PHE D 71 8.55 50.68 -26.00
C PHE D 71 7.21 50.88 -25.30
N HIS D 72 7.08 51.98 -24.56
CA HIS D 72 5.85 52.29 -23.83
C HIS D 72 4.65 52.26 -24.77
N ASN D 73 4.75 53.03 -25.85
CA ASN D 73 3.68 53.13 -26.83
C ASN D 73 3.25 51.79 -27.43
N ARG D 74 4.22 51.07 -27.97
CA ARG D 74 3.96 49.79 -28.62
C ARG D 74 3.73 48.58 -27.72
N ILE D 75 4.32 48.57 -26.52
CA ILE D 75 4.15 47.41 -25.64
C ILE D 75 3.62 47.71 -24.24
N PHE D 76 4.52 48.18 -23.40
CA PHE D 76 4.23 48.50 -22.00
C PHE D 76 2.86 49.12 -21.76
N LEU D 77 2.63 50.30 -22.31
CA LEU D 77 1.36 51.00 -22.12
C LEU D 77 0.16 50.08 -22.39
N ARG D 78 0.29 49.25 -23.42
CA ARG D 78 -0.76 48.31 -23.78
C ARG D 78 -0.98 47.23 -22.72
N GLU D 79 0.11 46.55 -22.34
CA GLU D 79 0.02 45.50 -21.33
C GLU D 79 -0.40 46.09 -19.98
N LEU D 80 -0.09 47.36 -19.76
CA LEU D 80 -0.47 48.03 -18.53
C LEU D 80 -1.98 48.21 -18.52
N GLU D 81 -2.52 48.54 -19.69
CA GLU D 81 -3.95 48.74 -19.83
C GLU D 81 -4.73 47.42 -19.74
N SER D 82 -4.05 46.29 -19.95
CA SER D 82 -4.71 44.99 -19.91
C SER D 82 -5.22 44.66 -18.50
N CYS D 83 -4.29 44.63 -17.54
CA CYS D 83 -4.64 44.32 -16.17
C CYS D 83 -5.27 45.49 -15.46
N ILE D 84 -5.70 46.50 -16.22
CA ILE D 84 -6.35 47.67 -15.64
C ILE D 84 -7.53 47.23 -14.77
N ASP D 85 -8.11 46.07 -15.12
CA ASP D 85 -9.24 45.51 -14.38
C ASP D 85 -8.76 44.48 -13.35
N CYS D 86 -7.47 44.55 -13.03
CA CYS D 86 -6.86 43.65 -12.05
C CYS D 86 -5.46 44.17 -11.72
N PRO D 87 -5.40 45.30 -11.00
CA PRO D 87 -4.15 45.96 -10.59
C PRO D 87 -3.20 45.16 -9.70
N GLU D 88 -3.74 44.47 -8.70
CA GLU D 88 -2.91 43.68 -7.78
C GLU D 88 -1.87 42.86 -8.55
N LEU D 89 -2.16 42.63 -9.83
CA LEU D 89 -1.30 41.83 -10.69
C LEU D 89 -0.49 42.67 -11.69
N VAL D 90 -0.61 43.98 -11.62
CA VAL D 90 0.14 44.84 -12.53
C VAL D 90 1.64 44.65 -12.31
N GLY D 91 2.01 44.03 -11.20
CA GLY D 91 3.42 43.81 -10.93
C GLY D 91 4.02 43.04 -12.08
N ARG D 92 3.36 41.93 -12.44
CA ARG D 92 3.78 41.07 -13.53
C ARG D 92 4.25 41.89 -14.72
N CYS D 93 3.45 42.88 -15.09
CA CYS D 93 3.75 43.75 -16.22
C CYS D 93 5.21 44.19 -16.26
N PHE D 94 5.73 44.67 -15.15
CA PHE D 94 7.12 45.13 -15.11
C PHE D 94 8.08 43.95 -15.06
N LEU D 95 7.68 42.88 -14.37
CA LEU D 95 8.52 41.69 -14.26
C LEU D 95 8.70 41.05 -15.63
N GLU D 96 7.60 40.88 -16.37
CA GLU D 96 7.66 40.27 -17.69
C GLU D 96 8.32 41.20 -18.72
N ARG D 97 8.86 42.33 -18.26
CA ARG D 97 9.53 43.27 -19.15
C ARG D 97 10.77 43.95 -18.54
N MET D 98 11.26 43.46 -17.41
CA MET D 98 12.42 44.08 -16.76
C MET D 98 13.59 44.26 -17.73
N GLU D 99 13.93 43.21 -18.46
CA GLU D 99 15.03 43.25 -19.42
C GLU D 99 14.80 44.32 -20.49
N GLU D 100 13.53 44.68 -20.71
CA GLU D 100 13.17 45.70 -21.69
C GLU D 100 13.53 47.08 -21.19
N PHE D 101 13.73 47.19 -19.88
CA PHE D 101 14.06 48.46 -19.25
C PHE D 101 15.54 48.78 -19.23
N GLN D 102 16.38 47.80 -19.57
CA GLN D 102 17.83 48.03 -19.59
C GLN D 102 18.08 49.39 -20.24
N ILE D 103 17.18 49.73 -21.15
CA ILE D 103 17.26 50.97 -21.89
C ILE D 103 17.48 52.22 -20.99
N TYR D 104 16.92 52.21 -19.79
CA TYR D 104 17.09 53.35 -18.88
C TYR D 104 18.50 53.44 -18.33
N GLU D 105 19.10 52.29 -18.04
CA GLU D 105 20.47 52.25 -17.54
C GLU D 105 21.27 53.02 -18.58
N LYS D 106 20.91 52.75 -19.83
CA LYS D 106 21.53 53.37 -20.99
C LYS D 106 21.31 54.88 -20.92
N TYR D 107 20.05 55.27 -20.75
CA TYR D 107 19.73 56.69 -20.69
C TYR D 107 20.40 57.38 -19.51
N CYS D 108 20.37 56.75 -18.35
CA CYS D 108 20.97 57.32 -17.14
C CYS D 108 22.48 57.44 -17.27
N GLN D 109 23.15 56.30 -17.33
CA GLN D 109 24.60 56.28 -17.45
C GLN D 109 25.10 57.37 -18.39
N ASN D 110 24.39 57.60 -19.50
CA ASN D 110 24.79 58.63 -20.45
C ASN D 110 24.18 59.99 -20.12
N LYS D 111 23.05 59.98 -19.44
CA LYS D 111 22.33 61.19 -19.07
C LYS D 111 23.22 62.35 -18.57
N PRO D 112 24.21 62.05 -17.73
CA PRO D 112 25.05 63.16 -17.27
C PRO D 112 25.75 63.93 -18.40
N ARG D 113 26.39 63.20 -19.31
CA ARG D 113 27.11 63.84 -20.42
C ARG D 113 26.20 64.78 -21.19
N SER D 114 24.93 64.41 -21.30
CA SER D 114 23.95 65.22 -22.00
C SER D 114 23.59 66.45 -21.18
N GLU D 115 24.14 66.53 -19.97
CA GLU D 115 23.90 67.66 -19.08
C GLU D 115 25.13 68.54 -19.07
N SER D 116 26.30 67.90 -19.12
CA SER D 116 27.56 68.62 -19.13
C SER D 116 27.60 69.50 -20.37
N LEU D 117 27.14 68.95 -21.49
CA LEU D 117 27.11 69.67 -22.75
C LEU D 117 26.09 70.80 -22.75
N TRP D 118 24.88 70.51 -22.27
CA TRP D 118 23.82 71.51 -22.23
C TRP D 118 24.27 72.77 -21.52
N ARG D 119 25.14 72.62 -20.52
CA ARG D 119 25.63 73.76 -19.76
C ARG D 119 26.45 74.67 -20.66
N GLN D 120 27.16 74.06 -21.61
CA GLN D 120 28.00 74.80 -22.55
C GLN D 120 27.17 75.87 -23.26
N CYS D 121 26.31 75.43 -24.18
CA CYS D 121 25.47 76.35 -24.93
C CYS D 121 23.98 76.16 -24.62
N SER D 122 23.57 76.60 -23.43
CA SER D 122 22.17 76.49 -23.02
C SER D 122 21.36 77.70 -23.47
N ASP D 123 21.97 78.56 -24.29
CA ASP D 123 21.31 79.77 -24.80
C ASP D 123 21.44 79.89 -26.31
N CYS D 124 21.53 78.74 -26.98
CA CYS D 124 21.65 78.68 -28.44
C CYS D 124 20.35 79.09 -29.12
N PRO D 125 20.43 79.70 -30.33
CA PRO D 125 19.27 80.14 -31.10
C PRO D 125 18.23 79.06 -31.40
N PHE D 126 18.67 77.81 -31.47
CA PHE D 126 17.77 76.68 -31.77
C PHE D 126 16.83 76.42 -30.59
N PHE D 127 17.36 76.58 -29.37
CA PHE D 127 16.60 76.36 -28.15
C PHE D 127 15.40 77.30 -28.18
N GLN D 128 15.70 78.59 -28.10
CA GLN D 128 14.68 79.62 -28.11
C GLN D 128 13.69 79.39 -29.25
N GLU D 129 14.15 78.74 -30.32
CA GLU D 129 13.31 78.46 -31.48
C GLU D 129 12.25 77.38 -31.21
N CYS D 130 12.66 76.12 -31.18
CA CYS D 130 11.73 75.03 -30.93
C CYS D 130 10.93 75.18 -29.63
N GLN D 131 11.42 76.05 -28.74
CA GLN D 131 10.75 76.30 -27.46
C GLN D 131 9.45 77.05 -27.74
N LYS D 132 9.42 77.74 -28.87
CA LYS D 132 8.26 78.52 -29.29
C LYS D 132 7.36 77.67 -30.18
N LYS D 133 7.94 77.08 -31.22
CA LYS D 133 7.22 76.24 -32.18
C LYS D 133 6.23 75.27 -31.54
N LEU D 134 6.53 74.86 -30.32
CA LEU D 134 5.67 73.94 -29.59
C LEU D 134 5.03 74.65 -28.41
N ASP D 135 5.53 75.85 -28.11
CA ASP D 135 5.00 76.65 -27.01
C ASP D 135 5.18 75.94 -25.67
N HIS D 136 6.30 76.19 -25.01
CA HIS D 136 6.58 75.58 -23.71
C HIS D 136 6.86 76.63 -22.65
N LYS D 137 6.38 76.39 -21.43
CA LYS D 137 6.59 77.31 -20.32
C LYS D 137 8.01 77.13 -19.78
N LEU D 138 8.70 76.08 -20.25
CA LEU D 138 10.08 75.82 -19.84
C LEU D 138 10.85 75.16 -20.98
N SER D 139 12.16 75.38 -20.97
CA SER D 139 13.06 74.85 -21.98
C SER D 139 12.96 73.33 -22.13
N LEU D 140 13.92 72.74 -22.85
CA LEU D 140 13.94 71.30 -23.08
C LEU D 140 14.52 70.50 -21.92
N ASP D 141 15.46 71.11 -21.20
CA ASP D 141 16.10 70.45 -20.06
C ASP D 141 15.14 69.64 -19.20
N SER D 142 14.04 70.26 -18.78
CA SER D 142 13.06 69.59 -17.94
C SER D 142 12.46 68.35 -18.62
N TYR D 143 12.60 68.27 -19.94
CA TYR D 143 12.07 67.14 -20.69
C TYR D 143 13.10 66.02 -20.79
N LEU D 144 14.38 66.37 -20.66
CA LEU D 144 15.46 65.40 -20.73
C LEU D 144 15.41 64.56 -19.46
N LEU D 145 14.75 65.12 -18.46
CA LEU D 145 14.61 64.50 -17.14
C LEU D 145 13.52 63.41 -17.12
N LYS D 146 12.41 63.66 -17.82
CA LYS D 146 11.27 62.73 -17.86
C LYS D 146 11.71 61.27 -17.79
N PRO D 147 12.65 60.85 -18.65
CA PRO D 147 13.11 59.47 -18.63
C PRO D 147 13.57 59.06 -17.23
N VAL D 148 14.42 59.90 -16.63
CA VAL D 148 14.95 59.66 -15.30
C VAL D 148 13.80 59.56 -14.30
N GLN D 149 13.40 60.72 -13.78
CA GLN D 149 12.31 60.82 -12.80
C GLN D 149 11.24 59.75 -13.00
N ARG D 150 10.79 59.60 -14.24
CA ARG D 150 9.76 58.63 -14.53
C ARG D 150 10.09 57.25 -13.98
N ILE D 151 11.38 56.95 -13.88
CA ILE D 151 11.79 55.66 -13.35
C ILE D 151 11.39 55.60 -11.88
N THR D 152 11.36 56.76 -11.26
CA THR D 152 11.01 56.90 -9.87
C THR D 152 9.49 56.85 -9.68
N LYS D 153 8.76 57.45 -10.61
CA LYS D 153 7.30 57.45 -10.52
C LYS D 153 6.77 56.03 -10.54
N TYR D 154 7.42 55.17 -11.33
CA TYR D 154 7.03 53.77 -11.40
C TYR D 154 7.25 53.19 -10.02
N GLN D 155 8.47 53.39 -9.56
CA GLN D 155 8.93 52.94 -8.25
C GLN D 155 7.85 53.31 -7.23
N LEU D 156 7.67 54.61 -7.02
CA LEU D 156 6.68 55.13 -6.08
C LEU D 156 5.31 54.49 -6.30
N LEU D 157 4.77 54.65 -7.51
CA LEU D 157 3.46 54.11 -7.85
C LEU D 157 3.31 52.62 -7.55
N LEU D 158 4.34 51.85 -7.87
CA LEU D 158 4.34 50.41 -7.62
C LEU D 158 4.14 50.17 -6.14
N LYS D 159 5.02 50.79 -5.35
CA LYS D 159 4.98 50.68 -3.90
C LYS D 159 3.61 51.07 -3.33
N GLU D 160 3.01 52.15 -3.82
CA GLU D 160 1.71 52.53 -3.30
C GLU D 160 0.70 51.46 -3.68
N MET D 161 0.84 50.91 -4.89
CA MET D 161 -0.05 49.86 -5.39
C MET D 161 -0.01 48.63 -4.49
N LEU D 162 1.18 48.29 -4.03
CA LEU D 162 1.37 47.15 -3.15
C LEU D 162 0.71 47.43 -1.80
N LYS D 163 0.90 48.63 -1.29
CA LYS D 163 0.34 49.04 0.00
C LYS D 163 -1.11 48.59 0.17
N TYR D 164 -1.92 48.75 -0.87
CA TYR D 164 -3.32 48.37 -0.82
C TYR D 164 -3.51 46.92 -1.27
N SER D 165 -2.51 46.08 -1.03
CA SER D 165 -2.58 44.68 -1.44
C SER D 165 -1.82 43.78 -0.47
N LYS D 166 -1.38 44.36 0.64
CA LYS D 166 -0.59 43.67 1.67
C LYS D 166 -1.11 42.33 2.21
N HIS D 167 -1.87 41.61 1.39
CA HIS D 167 -2.39 40.31 1.79
C HIS D 167 -3.41 39.82 0.77
N CYS D 168 -2.96 39.67 -0.47
CA CYS D 168 -3.83 39.20 -1.55
C CYS D 168 -3.06 38.76 -2.78
N GLU D 169 -3.76 38.11 -3.71
CA GLU D 169 -3.16 37.62 -4.94
C GLU D 169 -2.50 38.76 -5.72
N GLY D 170 -1.23 38.55 -6.07
CA GLY D 170 -0.51 39.58 -6.81
C GLY D 170 0.55 40.27 -5.98
N ALA D 171 0.59 39.92 -4.68
CA ALA D 171 1.55 40.52 -3.75
C ALA D 171 2.97 40.46 -4.31
N GLU D 172 3.70 39.41 -3.96
CA GLU D 172 5.08 39.22 -4.41
C GLU D 172 5.36 39.94 -5.72
N ASP D 173 4.53 39.67 -6.72
CA ASP D 173 4.67 40.27 -8.04
C ASP D 173 5.19 41.70 -7.95
N LEU D 174 4.37 42.58 -7.40
CA LEU D 174 4.71 43.98 -7.24
C LEU D 174 6.03 44.20 -6.51
N GLN D 175 6.07 43.79 -5.23
CA GLN D 175 7.26 43.94 -4.39
C GLN D 175 8.52 43.53 -5.14
N GLU D 176 8.43 42.41 -5.88
CA GLU D 176 9.56 41.90 -6.65
C GLU D 176 9.92 42.85 -7.79
N ALA D 177 8.90 43.37 -8.47
CA ALA D 177 9.12 44.30 -9.56
C ALA D 177 9.88 45.49 -9.00
N LEU D 178 9.29 46.09 -7.98
CA LEU D 178 9.83 47.25 -7.27
C LEU D 178 11.35 47.19 -7.07
N SER D 179 11.86 45.99 -6.85
CA SER D 179 13.29 45.81 -6.64
C SER D 179 14.03 45.93 -7.97
N SER D 180 13.59 45.16 -8.95
CA SER D 180 14.18 45.14 -10.28
C SER D 180 14.23 46.52 -10.92
N ILE D 181 13.31 47.39 -10.49
CA ILE D 181 13.25 48.75 -11.00
C ILE D 181 14.40 49.54 -10.39
N LEU D 182 14.47 49.53 -9.06
CA LEU D 182 15.53 50.22 -8.32
C LEU D 182 16.84 49.65 -8.84
N GLY D 183 16.82 48.35 -9.14
CA GLY D 183 18.00 47.67 -9.65
C GLY D 183 18.55 48.38 -10.87
N ILE D 184 17.66 48.92 -11.69
CA ILE D 184 18.06 49.66 -12.88
C ILE D 184 19.03 50.75 -12.41
N LEU D 185 18.62 51.48 -11.37
CA LEU D 185 19.44 52.55 -10.80
C LEU D 185 20.68 52.00 -10.09
N LYS D 186 20.44 51.02 -9.22
CA LYS D 186 21.51 50.38 -8.46
C LYS D 186 22.63 50.03 -9.44
N ALA D 187 22.25 49.33 -10.50
CA ALA D 187 23.22 48.93 -11.51
C ALA D 187 23.88 50.15 -12.12
N VAL D 188 23.09 51.14 -12.50
CA VAL D 188 23.66 52.33 -13.11
C VAL D 188 24.79 52.84 -12.23
N ASN D 189 24.46 53.06 -10.96
CA ASN D 189 25.40 53.55 -9.96
C ASN D 189 26.68 52.71 -9.93
N ASP D 190 26.53 51.42 -9.64
CA ASP D 190 27.68 50.53 -9.58
C ASP D 190 28.60 50.77 -10.75
N SER D 191 28.02 50.84 -11.95
CA SER D 191 28.79 51.07 -13.17
C SER D 191 29.46 52.43 -13.11
N MET D 192 28.72 53.43 -12.63
CA MET D 192 29.21 54.80 -12.50
C MET D 192 30.36 54.89 -11.50
N HIS D 193 30.47 53.86 -10.67
CA HIS D 193 31.51 53.75 -9.65
C HIS D 193 32.72 52.96 -10.16
N LEU D 194 32.45 51.87 -10.84
CA LEU D 194 33.49 51.02 -11.39
C LEU D 194 34.33 51.82 -12.39
N ILE D 195 33.65 52.52 -13.30
CA ILE D 195 34.35 53.32 -14.30
C ILE D 195 35.16 54.41 -13.60
N ALA D 196 35.19 54.34 -12.27
CA ALA D 196 35.92 55.31 -11.47
C ALA D 196 37.23 54.72 -10.96
N ILE D 197 37.35 53.41 -10.99
CA ILE D 197 38.56 52.74 -10.53
C ILE D 197 39.77 53.35 -11.20
N THR D 198 40.94 53.22 -10.56
CA THR D 198 42.18 53.76 -11.11
C THR D 198 43.37 52.91 -10.71
N GLY D 199 44.35 52.82 -11.61
CA GLY D 199 45.54 52.05 -11.33
C GLY D 199 45.37 50.57 -11.59
N TYR D 200 44.53 50.22 -12.55
CA TYR D 200 44.30 48.82 -12.87
C TYR D 200 45.12 48.34 -14.07
N ASP D 201 46.00 47.38 -13.82
CA ASP D 201 46.84 46.82 -14.87
C ASP D 201 46.24 45.55 -15.46
N GLY D 202 45.21 45.73 -16.30
CA GLY D 202 44.57 44.58 -16.91
C GLY D 202 43.28 44.89 -17.64
N ASN D 203 42.61 43.83 -18.08
CA ASN D 203 41.33 43.97 -18.80
C ASN D 203 40.20 44.05 -17.79
N LEU D 204 39.76 45.26 -17.46
CA LEU D 204 38.69 45.44 -16.48
C LEU D 204 37.32 45.00 -17.00
N GLY D 205 37.23 43.76 -17.46
CA GLY D 205 35.99 43.25 -17.99
C GLY D 205 36.05 41.75 -18.23
N ASP D 206 37.26 41.24 -18.48
CA ASP D 206 37.46 39.81 -18.73
C ASP D 206 36.98 38.96 -17.55
N LEU D 207 36.49 39.64 -16.52
CA LEU D 207 35.98 38.99 -15.32
C LEU D 207 34.47 38.80 -15.47
N GLY D 208 33.72 39.09 -14.42
CA GLY D 208 32.27 38.95 -14.49
C GLY D 208 31.61 40.31 -14.52
N LYS D 209 30.39 40.41 -14.02
CA LYS D 209 29.71 41.70 -13.99
C LYS D 209 29.55 42.14 -12.53
N LEU D 210 29.59 43.45 -12.30
CA LEU D 210 29.43 43.97 -10.94
C LEU D 210 28.19 43.40 -10.30
N LEU D 211 28.21 43.27 -8.99
CA LEU D 211 27.05 42.76 -8.26
C LEU D 211 26.89 43.70 -7.08
N MET D 212 28.00 43.92 -6.39
CA MET D 212 28.04 44.79 -5.24
C MET D 212 29.28 45.66 -5.39
N GLN D 213 29.46 46.58 -4.45
CA GLN D 213 30.61 47.47 -4.44
C GLN D 213 30.36 48.56 -3.42
N GLY D 214 31.12 48.55 -2.34
CA GLY D 214 30.95 49.54 -1.31
C GLY D 214 32.19 49.71 -0.48
N SER D 215 32.21 50.75 0.33
CA SER D 215 33.34 51.03 1.19
C SER D 215 33.19 50.24 2.47
N PHE D 216 34.26 49.54 2.88
CA PHE D 216 34.23 48.77 4.10
C PHE D 216 35.49 49.04 4.90
N SER D 217 35.52 48.51 6.11
CA SER D 217 36.67 48.64 6.98
C SER D 217 37.35 47.28 6.90
N VAL D 218 38.52 47.24 6.29
CA VAL D 218 39.21 45.96 6.15
C VAL D 218 40.18 45.72 7.30
N TRP D 219 40.35 44.44 7.62
CA TRP D 219 41.25 44.01 8.68
C TRP D 219 41.83 42.69 8.20
N THR D 220 43.10 42.45 8.48
CA THR D 220 43.76 41.22 8.05
C THR D 220 43.84 40.13 9.13
N ASP D 221 44.57 39.05 8.84
CA ASP D 221 44.75 37.93 9.78
C ASP D 221 45.35 36.71 9.09
N HIS D 222 46.64 36.76 8.79
CA HIS D 222 47.29 35.64 8.12
C HIS D 222 48.81 35.82 8.05
N LYS D 223 49.43 35.10 7.12
CA LYS D 223 50.87 35.14 6.89
C LYS D 223 51.73 34.35 7.89
N LYS D 224 52.94 34.04 7.47
CA LYS D 224 53.90 33.30 8.28
C LYS D 224 55.09 34.20 8.59
N GLY D 225 56.26 33.83 8.07
CA GLY D 225 57.45 34.64 8.29
C GLY D 225 57.38 35.89 7.43
N HIS D 226 56.53 36.82 7.84
CA HIS D 226 56.33 38.07 7.11
C HIS D 226 57.60 38.90 6.97
N THR D 227 57.76 39.49 5.79
CA THR D 227 58.90 40.34 5.48
C THR D 227 58.43 41.45 4.54
N LYS D 228 57.29 41.21 3.90
CA LYS D 228 56.65 42.13 2.97
C LYS D 228 55.48 41.38 2.33
N VAL D 229 54.95 41.90 1.23
CA VAL D 229 53.83 41.27 0.55
C VAL D 229 52.55 41.28 1.37
N LYS D 230 51.56 42.06 0.92
CA LYS D 230 50.27 42.19 1.58
C LYS D 230 50.33 43.07 2.84
N GLU D 231 49.64 44.20 2.80
CA GLU D 231 49.61 45.14 3.93
C GLU D 231 48.67 44.65 5.02
N LEU D 232 49.26 44.27 6.15
CA LEU D 232 48.50 43.75 7.29
C LEU D 232 47.82 44.86 8.11
N ALA D 233 46.96 44.45 9.04
CA ALA D 233 46.23 45.38 9.91
C ALA D 233 45.49 44.66 11.06
N ARG D 234 46.19 44.46 12.18
CA ARG D 234 45.66 43.78 13.36
C ARG D 234 44.62 44.61 14.10
N PHE D 235 44.85 45.92 14.15
CA PHE D 235 43.93 46.86 14.81
C PHE D 235 44.23 48.31 14.41
N LYS D 236 43.55 48.78 13.37
CA LYS D 236 43.69 50.14 12.87
C LYS D 236 43.02 50.24 11.51
N PRO D 237 41.96 49.44 11.35
CA PRO D 237 41.13 49.37 10.15
C PRO D 237 41.62 50.13 8.92
N MET D 238 41.90 49.43 7.82
CA MET D 238 42.30 50.10 6.59
C MET D 238 40.99 50.36 5.82
N GLN D 239 40.96 51.41 5.00
CA GLN D 239 39.74 51.75 4.27
C GLN D 239 39.77 51.51 2.76
N ARG D 240 39.22 50.37 2.36
CA ARG D 240 39.18 49.99 0.96
C ARG D 240 37.73 49.96 0.47
N HIS D 241 37.56 50.07 -0.84
CA HIS D 241 36.24 50.03 -1.46
C HIS D 241 36.20 48.76 -2.30
N LEU D 242 35.31 47.84 -1.95
CA LEU D 242 35.20 46.57 -2.67
C LEU D 242 34.53 46.67 -4.04
N PHE D 243 34.77 45.65 -4.85
CA PHE D 243 34.20 45.58 -6.19
C PHE D 243 33.92 44.14 -6.58
N LEU D 244 32.92 43.56 -5.93
CA LEU D 244 32.52 42.19 -6.22
C LEU D 244 32.15 42.12 -7.69
N HIS D 245 32.41 40.97 -8.31
CA HIS D 245 32.07 40.76 -9.71
C HIS D 245 31.57 39.32 -9.80
N GLU D 246 32.11 38.55 -10.73
CA GLU D 246 31.70 37.16 -10.83
C GLU D 246 32.93 36.27 -10.70
N LYS D 247 34.05 36.78 -11.20
CA LYS D 247 35.29 36.03 -11.15
C LYS D 247 36.30 36.66 -10.20
N ALA D 248 36.16 37.96 -9.96
CA ALA D 248 37.09 38.69 -9.08
C ALA D 248 36.44 39.64 -8.08
N VAL D 249 37.18 39.98 -7.03
CA VAL D 249 36.73 40.90 -5.98
C VAL D 249 37.77 41.98 -5.77
N LEU D 250 37.84 42.92 -6.71
CA LEU D 250 38.80 44.02 -6.64
C LEU D 250 38.82 44.75 -5.30
N PHE D 251 39.98 45.28 -4.96
CA PHE D 251 40.19 46.02 -3.71
C PHE D 251 40.83 47.36 -4.07
N CYS D 252 40.11 48.45 -3.81
CA CYS D 252 40.62 49.78 -4.15
C CYS D 252 40.73 50.75 -2.98
N LYS D 253 41.65 51.70 -3.13
CA LYS D 253 41.91 52.73 -2.13
C LYS D 253 41.25 54.06 -2.50
N LYS D 254 40.22 54.44 -1.73
CA LYS D 254 39.48 55.67 -1.97
C LYS D 254 40.38 56.90 -2.03
N ARG D 255 40.59 57.44 -3.23
CA ARG D 255 41.44 58.63 -3.38
C ARG D 255 40.83 59.89 -2.77
N GLU D 256 41.46 61.03 -2.99
CA GLU D 256 40.99 62.31 -2.46
C GLU D 256 41.13 63.43 -3.49
N TYR D 268 39.63 55.71 -7.02
CA TYR D 268 39.83 54.42 -6.28
C TYR D 268 41.11 53.70 -6.73
N SER D 269 42.27 54.18 -6.28
CA SER D 269 43.53 53.55 -6.67
C SER D 269 43.52 52.07 -6.34
N TYR D 270 43.42 51.25 -7.38
CA TYR D 270 43.38 49.80 -7.23
C TYR D 270 44.55 49.26 -6.41
N LYS D 271 44.32 48.13 -5.75
CA LYS D 271 45.36 47.50 -4.96
C LYS D 271 45.50 46.05 -5.38
N GLN D 272 44.67 45.17 -4.81
CA GLN D 272 44.74 43.76 -5.16
C GLN D 272 43.37 43.18 -5.54
N SER D 273 43.40 42.06 -6.26
CA SER D 273 42.17 41.39 -6.69
C SER D 273 42.05 40.04 -6.01
N LEU D 274 41.22 39.17 -6.57
CA LEU D 274 41.03 37.83 -6.01
C LEU D 274 40.56 36.84 -7.06
N ASN D 275 39.69 35.93 -6.64
CA ASN D 275 39.13 34.91 -7.52
C ASN D 275 38.43 33.85 -6.68
N MET D 276 37.14 33.66 -6.91
CA MET D 276 36.37 32.65 -6.18
C MET D 276 37.04 31.28 -6.30
N THR D 277 37.95 31.16 -7.26
CA THR D 277 38.69 29.93 -7.48
C THR D 277 39.56 29.71 -6.25
N ALA D 278 39.71 30.77 -5.48
CA ALA D 278 40.51 30.74 -4.26
C ALA D 278 39.80 31.50 -3.14
N VAL D 279 38.71 32.17 -3.48
CA VAL D 279 37.96 32.93 -2.49
C VAL D 279 36.92 32.12 -1.73
N GLY D 280 37.06 32.13 -0.40
CA GLY D 280 36.14 31.42 0.47
C GLY D 280 35.60 32.49 1.41
N ILE D 281 34.55 32.20 2.14
CA ILE D 281 33.98 33.20 3.03
C ILE D 281 33.24 32.60 4.23
N THR D 282 33.40 33.23 5.39
CA THR D 282 32.71 32.74 6.58
C THR D 282 31.51 33.62 6.82
N GLU D 283 30.36 32.97 7.06
CA GLU D 283 29.10 33.66 7.30
C GLU D 283 29.27 34.82 8.28
N ASN D 284 28.90 34.58 9.54
CA ASN D 284 29.00 35.60 10.56
C ASN D 284 30.23 35.40 11.43
N VAL D 285 30.64 36.48 12.08
CA VAL D 285 31.82 36.46 12.95
C VAL D 285 31.48 36.07 14.37
N LYS D 286 32.21 36.63 15.34
CA LYS D 286 32.01 36.35 16.75
C LYS D 286 31.96 37.63 17.58
N GLY D 287 31.01 38.50 17.28
CA GLY D 287 30.89 39.74 18.03
C GLY D 287 30.48 40.94 17.20
N ASP D 288 29.94 40.67 16.01
CA ASP D 288 29.50 41.73 15.10
C ASP D 288 28.70 41.12 13.94
N THR D 289 27.38 41.22 14.05
CA THR D 289 26.49 40.68 13.03
C THR D 289 26.63 41.43 11.72
N LYS D 290 27.52 42.43 11.70
CA LYS D 290 27.74 43.22 10.49
C LYS D 290 29.20 43.05 10.07
N LYS D 291 29.81 41.96 10.54
CA LYS D 291 31.19 41.66 10.21
C LYS D 291 31.23 40.27 9.58
N PHE D 292 31.96 40.14 8.49
CA PHE D 292 32.08 38.84 7.84
C PHE D 292 33.48 38.74 7.23
N GLU D 293 33.86 37.59 6.71
CA GLU D 293 35.19 37.49 6.15
C GLU D 293 35.35 36.79 4.80
N ILE D 294 36.34 37.25 4.07
CA ILE D 294 36.67 36.74 2.75
C ILE D 294 38.11 36.27 2.86
N TRP D 295 38.42 35.10 2.31
CA TRP D 295 39.80 34.61 2.35
C TRP D 295 40.24 33.96 1.06
N TYR D 296 41.48 34.23 0.69
CA TYR D 296 42.10 33.72 -0.53
C TYR D 296 42.73 32.36 -0.24
N ASN D 297 42.36 31.36 -1.03
CA ASN D 297 42.86 30.00 -0.88
C ASN D 297 42.43 29.38 0.45
N ALA D 298 43.38 28.88 1.21
CA ALA D 298 43.08 28.25 2.50
C ALA D 298 43.34 29.22 3.63
N ARG D 299 42.52 30.27 3.72
CA ARG D 299 42.66 31.30 4.75
C ARG D 299 44.10 31.77 4.93
N GLU D 300 44.92 31.48 3.93
CA GLU D 300 46.32 31.87 3.94
C GLU D 300 46.40 33.37 3.66
N GLU D 301 45.22 33.98 3.65
CA GLU D 301 45.05 35.40 3.42
C GLU D 301 43.58 35.67 3.78
N VAL D 302 43.35 36.04 5.04
CA VAL D 302 42.01 36.31 5.54
C VAL D 302 41.73 37.80 5.72
N TYR D 303 40.49 38.20 5.43
CA TYR D 303 40.08 39.59 5.54
C TYR D 303 38.83 39.75 6.38
N ILE D 304 38.95 40.46 7.49
CA ILE D 304 37.80 40.71 8.33
C ILE D 304 37.13 41.94 7.73
N ILE D 305 35.88 41.79 7.31
CA ILE D 305 35.14 42.89 6.70
C ILE D 305 33.98 43.39 7.55
N GLN D 306 33.97 44.69 7.80
CA GLN D 306 32.92 45.32 8.57
C GLN D 306 32.09 46.19 7.65
N ALA D 307 30.98 45.63 7.19
CA ALA D 307 30.09 46.37 6.31
C ALA D 307 29.40 47.44 7.13
N PRO D 308 29.16 48.61 6.52
CA PRO D 308 28.50 49.73 7.19
C PRO D 308 27.15 49.44 7.83
N THR D 309 26.59 48.26 7.58
CA THR D 309 25.31 47.87 8.18
C THR D 309 25.11 46.35 8.15
N PRO D 310 24.36 45.81 9.12
CA PRO D 310 24.11 44.36 9.17
C PRO D 310 23.50 43.84 7.88
N GLU D 311 22.76 44.72 7.20
CA GLU D 311 22.11 44.35 5.94
C GLU D 311 23.12 44.09 4.83
N ILE D 312 24.03 45.04 4.66
CA ILE D 312 25.08 44.96 3.63
C ILE D 312 25.84 43.64 3.77
N LYS D 313 26.14 43.26 5.02
CA LYS D 313 26.85 42.01 5.27
C LYS D 313 25.97 40.86 4.81
N ALA D 314 24.71 40.90 5.25
CA ALA D 314 23.75 39.87 4.87
C ALA D 314 23.74 39.80 3.36
N ALA D 315 23.64 40.97 2.74
CA ALA D 315 23.63 41.09 1.29
C ALA D 315 24.83 40.43 0.63
N TRP D 316 26.01 41.00 0.88
CA TRP D 316 27.25 40.48 0.31
C TRP D 316 27.45 38.97 0.51
N VAL D 317 27.19 38.46 1.72
CA VAL D 317 27.35 37.03 1.99
C VAL D 317 26.58 36.28 0.93
N ASN D 318 25.34 36.71 0.71
CA ASN D 318 24.46 36.09 -0.26
C ASN D 318 24.90 36.38 -1.68
N GLU D 319 25.32 37.61 -1.95
CA GLU D 319 25.76 37.94 -3.30
C GLU D 319 27.06 37.18 -3.58
N ILE D 320 27.64 36.61 -2.54
CA ILE D 320 28.86 35.83 -2.65
C ILE D 320 28.55 34.33 -2.64
N ARG D 321 27.68 33.91 -1.73
CA ARG D 321 27.31 32.50 -1.66
C ARG D 321 26.69 32.06 -2.98
N LYS D 322 26.50 33.02 -3.88
CA LYS D 322 25.95 32.77 -5.20
C LYS D 322 27.11 32.51 -6.15
N VAL D 323 27.98 33.51 -6.29
CA VAL D 323 29.14 33.42 -7.15
C VAL D 323 30.06 32.27 -6.77
N LEU D 324 30.12 31.97 -5.48
CA LEU D 324 30.97 30.90 -5.00
C LEU D 324 30.35 29.54 -5.25
N THR D 325 29.02 29.45 -5.09
CA THR D 325 28.32 28.20 -5.30
C THR D 325 28.15 27.97 -6.80
N SER D 326 28.09 29.06 -7.56
CA SER D 326 27.92 29.01 -9.01
C SER D 326 29.17 28.56 -9.75
N GLN D 327 29.92 27.66 -9.12
CA GLN D 327 31.12 27.09 -9.71
C GLN D 327 31.35 25.78 -8.97
N LEU D 328 30.94 25.76 -7.71
CA LEU D 328 31.06 24.56 -6.89
C LEU D 328 30.01 23.58 -7.39
N GLN D 329 28.80 24.09 -7.61
CA GLN D 329 27.70 23.28 -8.11
C GLN D 329 27.84 23.16 -9.61
N ALA D 330 29.07 23.33 -10.09
CA ALA D 330 29.39 23.23 -11.51
C ALA D 330 30.58 22.28 -11.65
N CYS D 331 31.74 22.85 -11.98
CA CYS D 331 32.95 22.08 -12.16
C CYS D 331 34.13 22.86 -11.60
#